data_4JC8
#
_entry.id   4JC8
#
_cell.length_a   71.936
_cell.length_b   64.436
_cell.length_c   151.685
_cell.angle_alpha   90.000
_cell.angle_beta   91.770
_cell.angle_gamma   90.000
#
_symmetry.space_group_name_H-M   'P 1 21 1'
#
loop_
_entity.id
_entity.type
_entity.pdbx_description
1 polymer 'HOPS component Vps33'
2 water water
#
_entity_poly.entity_id   1
_entity_poly.type   'polypeptide(L)'
_entity_poly.pdbx_seq_one_letter_code
;GS(MSE)APRAGFDAEQVRDKARKDLLHLLEGVRGKKNLVIEKDLAGPLGVIVKASTLRDYGVDNFFFLENKNTGTSQRN
IVFIARGESVRNAHAIAAQIKRIQRESQTSHDFHIFWVPRRTLFSDKVLEEAGVLGDANISELPLYFFPLERDVLSLELN
DSFRDLYLAKDPTPVFLLSRAL(MSE)GIQKKHGLFPRIIGKGENAKRVADLLSR(MSE)RQELLAGEEAGESDRAGLSP
STTIESVIIIDREVDFVTPLLTQLTYEGLIDEYFGIQNNQTDVDAVIVGAPAQSAASTSTAVPTNSSQSRKRKIQLDGSD
SLYSQLRDANFAIVGSLLNTVARRLKSDYESRHNTKTTAELKEFVKKLPGYQAEQQSLKIHSNIAEEIINYTRTEIFNKL
LEVQQNLAAGADPSSQFDSIEELVARDTPLPQVLRLLCLYSCISGGIKTKELDHFRRLVLQGYGHQHLLTLHNLERLQ
(MSE)FLSKSSPLAS(MSE)IT(MSE)SGSSGGPDQKTNYTYLRKQLRLIVDEVNEQDPNDIAYVYSGYAPLSIRLVQCV
LQKQYLLSITKGSGTVIAAGPVAGGGAQGWKGFEEIVKHARGPTFDEIQKGEDKAVKARALLSGSSGDKKTVFVVFVGGI
TFTEIAALRFIAKQEEARRNIVICTTSIINGNR(MSE)(MSE)NAAIETATFEKTTVTTAAAQ
;
_entity_poly.pdbx_strand_id   A,B
#
# COMPACT_ATOMS: atom_id res chain seq x y z
N ALA A 7 21.26 19.66 -28.12
CA ALA A 7 21.05 20.93 -28.85
C ALA A 7 19.56 21.25 -28.96
N GLY A 8 18.72 20.23 -28.85
CA GLY A 8 17.30 20.40 -29.06
C GLY A 8 16.38 20.00 -27.92
N PHE A 9 15.09 19.96 -28.22
CA PHE A 9 14.08 19.64 -27.22
C PHE A 9 14.25 18.24 -26.61
N ASP A 10 14.04 18.13 -25.30
CA ASP A 10 13.97 16.85 -24.60
C ASP A 10 12.88 16.87 -23.51
N ALA A 11 12.00 15.88 -23.49
CA ALA A 11 10.87 15.85 -22.56
C ALA A 11 11.30 15.95 -21.12
N GLU A 12 12.51 15.45 -20.84
CA GLU A 12 13.02 15.44 -19.48
C GLU A 12 13.31 16.84 -18.91
N GLN A 13 13.53 17.83 -19.78
CA GLN A 13 13.77 19.17 -19.30
C GLN A 13 12.46 19.86 -18.89
N VAL A 14 11.35 19.40 -19.46
CA VAL A 14 10.04 19.90 -19.04
C VAL A 14 9.72 19.38 -17.63
N ARG A 15 9.99 18.10 -17.38
CA ARG A 15 9.80 17.53 -16.05
C ARG A 15 10.67 18.23 -15.00
N ASP A 16 11.94 18.44 -15.34
CA ASP A 16 12.88 19.08 -14.42
C ASP A 16 12.43 20.48 -14.05
N LYS A 17 12.01 21.26 -15.06
CA LYS A 17 11.56 22.62 -14.83
C LYS A 17 10.29 22.64 -13.98
N ALA A 18 9.42 21.67 -14.20
CA ALA A 18 8.15 21.56 -13.50
C ALA A 18 8.38 21.28 -12.02
N ARG A 19 9.21 20.27 -11.73
CA ARG A 19 9.61 19.92 -10.37
C ARG A 19 10.33 21.07 -9.67
N LYS A 20 11.31 21.65 -10.36
CA LYS A 20 12.02 22.81 -9.84
C LYS A 20 11.05 23.94 -9.52
N ASP A 21 10.13 24.23 -10.44
CA ASP A 21 9.17 25.31 -10.23
C ASP A 21 8.29 25.06 -9.01
N LEU A 22 7.75 23.85 -8.90
CA LEU A 22 6.96 23.49 -7.72
C LEU A 22 7.79 23.51 -6.43
N LEU A 23 8.94 22.86 -6.43
CA LEU A 23 9.75 22.76 -5.22
C LEU A 23 10.20 24.11 -4.68
N HIS A 24 10.60 25.01 -5.57
CA HIS A 24 10.97 26.35 -5.16
C HIS A 24 9.85 27.07 -4.41
N LEU A 25 8.61 26.91 -4.86
CA LEU A 25 7.47 27.54 -4.19
C LEU A 25 7.25 26.91 -2.82
N LEU A 26 7.48 25.61 -2.72
CA LEU A 26 7.38 24.93 -1.44
C LEU A 26 8.51 25.37 -0.53
N GLU A 27 9.62 25.80 -1.12
CA GLU A 27 10.74 26.34 -0.36
C GLU A 27 10.48 27.77 0.12
N GLY A 28 9.48 28.41 -0.47
CA GLY A 28 9.10 29.76 -0.07
C GLY A 28 8.14 29.75 1.10
N VAL A 29 7.47 28.62 1.32
CA VAL A 29 6.64 28.48 2.49
C VAL A 29 7.49 27.80 3.55
N ARG A 30 8.03 28.62 4.43
CA ARG A 30 9.06 28.21 5.36
C ARG A 30 8.44 27.36 6.44
N GLY A 31 9.10 26.24 6.76
CA GLY A 31 8.58 25.33 7.75
C GLY A 31 7.90 24.13 7.11
N LYS A 32 7.44 23.20 7.92
CA LYS A 32 6.63 22.12 7.40
C LYS A 32 5.26 22.69 7.01
N LYS A 33 4.53 21.95 6.19
CA LYS A 33 3.30 22.46 5.59
C LYS A 33 2.32 21.34 5.31
N ASN A 34 1.03 21.68 5.29
CA ASN A 34 0.01 20.78 4.75
C ASN A 34 -0.30 21.19 3.32
N LEU A 35 -0.72 20.21 2.52
CA LEU A 35 -0.87 20.39 1.08
C LEU A 35 -2.26 19.99 0.58
N VAL A 36 -3.04 20.96 0.14
CA VAL A 36 -4.38 20.69 -0.41
C VAL A 36 -4.39 20.78 -1.94
N ILE A 37 -4.76 19.69 -2.60
CA ILE A 37 -4.65 19.62 -4.05
C ILE A 37 -5.95 19.21 -4.73
N GLU A 38 -6.26 19.92 -5.81
CA GLU A 38 -7.32 19.57 -6.73
C GLU A 38 -7.14 18.09 -7.11
N LYS A 39 -8.17 17.29 -6.94
CA LYS A 39 -8.05 15.85 -7.15
C LYS A 39 -7.53 15.53 -8.54
N ASP A 40 -8.05 16.24 -9.54
CA ASP A 40 -7.63 16.02 -10.92
C ASP A 40 -6.18 16.43 -11.21
N LEU A 41 -5.63 17.35 -10.42
CA LEU A 41 -4.25 17.80 -10.60
C LEU A 41 -3.28 16.83 -9.94
N ALA A 42 -3.77 16.01 -9.03
CA ALA A 42 -2.94 15.13 -8.21
C ALA A 42 -2.22 14.10 -9.07
N GLY A 43 -2.93 13.55 -10.04
CA GLY A 43 -2.36 12.55 -10.92
C GLY A 43 -1.19 13.07 -11.74
N PRO A 44 -1.44 14.10 -12.58
CA PRO A 44 -0.35 14.71 -13.36
C PRO A 44 0.82 15.25 -12.54
N LEU A 45 0.59 15.70 -11.31
CA LEU A 45 1.69 16.15 -10.45
C LEU A 45 2.63 14.99 -10.12
N GLY A 46 2.08 13.79 -10.01
CA GLY A 46 2.89 12.60 -9.75
C GLY A 46 3.78 12.21 -10.90
N VAL A 47 3.51 12.77 -12.09
CA VAL A 47 4.33 12.51 -13.28
C VAL A 47 5.64 13.29 -13.22
N ILE A 48 5.67 14.38 -12.44
CA ILE A 48 6.82 15.25 -12.41
C ILE A 48 7.54 15.28 -11.06
N VAL A 49 6.86 14.82 -10.01
CA VAL A 49 7.47 14.74 -8.68
C VAL A 49 6.91 13.57 -7.86
N LYS A 50 7.77 12.94 -7.08
CA LYS A 50 7.36 11.80 -6.27
C LYS A 50 6.89 12.30 -4.91
N ALA A 51 5.86 11.66 -4.36
CA ALA A 51 5.33 12.02 -3.05
C ALA A 51 6.41 12.05 -1.97
N SER A 52 7.37 11.12 -2.05
CA SER A 52 8.45 11.04 -1.06
C SER A 52 9.28 12.32 -1.12
N THR A 53 9.47 12.86 -2.31
CA THR A 53 10.24 14.08 -2.48
C THR A 53 9.54 15.26 -1.78
N LEU A 54 8.21 15.30 -1.85
CA LEU A 54 7.44 16.39 -1.26
C LEU A 54 7.52 16.36 0.27
N ARG A 55 7.56 15.15 0.82
CA ARG A 55 7.77 14.95 2.25
C ARG A 55 9.11 15.58 2.68
N ASP A 56 10.17 15.32 1.91
CA ASP A 56 11.50 15.90 2.17
C ASP A 56 11.49 17.42 2.15
N TYR A 57 10.49 18.01 1.51
CA TYR A 57 10.34 19.46 1.46
C TYR A 57 9.27 19.95 2.44
N GLY A 58 8.92 19.10 3.39
CA GLY A 58 8.08 19.51 4.50
C GLY A 58 6.59 19.24 4.38
N VAL A 59 6.21 18.31 3.51
CA VAL A 59 4.80 18.00 3.41
C VAL A 59 4.44 16.91 4.43
N ASP A 60 3.74 17.33 5.46
CA ASP A 60 3.28 16.43 6.50
C ASP A 60 2.12 15.63 5.91
N ASN A 61 1.04 16.31 5.54
CA ASN A 61 -0.11 15.63 4.96
C ASN A 61 -0.50 16.11 3.56
N PHE A 62 -1.19 15.25 2.82
CA PHE A 62 -1.72 15.56 1.51
C PHE A 62 -3.24 15.53 1.56
N PHE A 63 -3.90 16.54 0.97
CA PHE A 63 -5.36 16.56 0.95
C PHE A 63 -5.92 16.85 -0.43
N PHE A 64 -6.99 16.13 -0.77
CA PHE A 64 -7.75 16.44 -1.98
C PHE A 64 -8.76 17.51 -1.66
N LEU A 65 -8.74 18.60 -2.42
CA LEU A 65 -9.57 19.78 -2.18
C LEU A 65 -11.04 19.40 -2.02
N GLU A 66 -11.47 18.38 -2.74
CA GLU A 66 -12.89 18.05 -2.84
C GLU A 66 -13.37 17.16 -1.70
N ASN A 67 -12.44 16.61 -0.94
CA ASN A 67 -12.78 15.84 0.25
C ASN A 67 -13.31 16.74 1.36
N LYS A 68 -12.90 18.01 1.31
CA LYS A 68 -13.30 18.98 2.32
C LYS A 68 -12.99 18.47 3.73
N ASN A 69 -11.71 18.22 3.99
CA ASN A 69 -11.26 17.68 5.28
C ASN A 69 -9.81 18.05 5.61
N THR A 70 -9.40 19.26 5.22
CA THR A 70 -8.05 19.73 5.51
C THR A 70 -7.78 19.72 7.01
N GLY A 71 -6.63 19.15 7.37
CA GLY A 71 -6.22 18.97 8.75
C GLY A 71 -5.67 20.21 9.42
N THR A 72 -5.30 20.03 10.69
CA THR A 72 -4.92 21.11 11.59
C THR A 72 -3.44 21.02 11.96
N SER A 73 -2.89 19.83 11.79
CA SER A 73 -1.54 19.46 12.25
C SER A 73 -0.38 20.42 11.90
N GLN A 74 -0.57 21.28 10.91
CA GLN A 74 0.50 22.18 10.52
C GLN A 74 -0.04 23.58 10.32
N ARG A 75 0.71 24.58 10.74
CA ARG A 75 0.23 25.97 10.66
C ARG A 75 0.24 26.48 9.22
N ASN A 76 1.11 25.93 8.38
CA ASN A 76 1.15 26.23 6.95
C ASN A 76 0.19 25.37 6.14
N ILE A 77 -0.72 26.01 5.40
CA ILE A 77 -1.58 25.27 4.48
C ILE A 77 -1.32 25.73 3.05
N VAL A 78 -1.16 24.79 2.13
CA VAL A 78 -0.92 25.15 0.72
C VAL A 78 -1.97 24.52 -0.18
N PHE A 79 -2.72 25.36 -0.89
CA PHE A 79 -3.65 24.91 -1.91
C PHE A 79 -2.98 24.95 -3.28
N ILE A 80 -3.02 23.83 -4.00
CA ILE A 80 -2.54 23.80 -5.38
C ILE A 80 -3.72 23.41 -6.29
N ALA A 81 -4.09 24.31 -7.21
CA ALA A 81 -5.25 24.08 -8.07
C ALA A 81 -5.21 24.94 -9.33
N ARG A 82 -6.01 24.55 -10.31
CA ARG A 82 -6.14 25.33 -11.55
C ARG A 82 -6.96 26.63 -11.43
N GLY A 83 -6.38 27.74 -11.90
CA GLY A 83 -7.00 29.05 -11.78
C GLY A 83 -8.08 29.35 -12.80
N GLU A 84 -8.10 28.57 -13.87
CA GLU A 84 -9.08 28.72 -14.93
C GLU A 84 -10.40 28.11 -14.51
N SER A 85 -10.39 27.32 -13.45
CA SER A 85 -11.58 26.62 -12.97
C SER A 85 -12.42 27.49 -12.04
N VAL A 86 -13.65 27.79 -12.45
CA VAL A 86 -14.58 28.54 -11.62
C VAL A 86 -14.89 27.86 -10.27
N ARG A 87 -15.00 26.53 -10.32
CA ARG A 87 -15.25 25.72 -9.14
C ARG A 87 -14.17 25.82 -8.05
N ASN A 88 -12.89 25.78 -8.45
CA ASN A 88 -11.76 25.85 -7.50
C ASN A 88 -11.64 27.14 -6.68
N ALA A 89 -12.09 28.25 -7.24
CA ALA A 89 -11.98 29.54 -6.56
C ALA A 89 -12.91 29.56 -5.37
N HIS A 90 -14.10 29.01 -5.57
CA HIS A 90 -15.07 28.87 -4.49
C HIS A 90 -14.60 27.87 -3.41
N ALA A 91 -14.24 26.66 -3.83
CA ALA A 91 -13.78 25.60 -2.92
C ALA A 91 -12.71 26.07 -1.96
N ILE A 92 -11.71 26.77 -2.50
CA ILE A 92 -10.59 27.22 -1.69
C ILE A 92 -11.03 28.26 -0.69
N ALA A 93 -11.84 29.20 -1.15
CA ALA A 93 -12.41 30.22 -0.27
C ALA A 93 -13.24 29.59 0.85
N ALA A 94 -14.08 28.60 0.50
CA ALA A 94 -14.91 27.93 1.50
C ALA A 94 -14.04 27.22 2.51
N GLN A 95 -12.96 26.62 2.02
CA GLN A 95 -12.07 25.84 2.85
C GLN A 95 -11.29 26.73 3.82
N ILE A 96 -10.90 27.90 3.36
CA ILE A 96 -10.21 28.85 4.25
C ILE A 96 -11.14 29.33 5.37
N LYS A 97 -12.35 29.73 5.02
CA LYS A 97 -13.33 30.17 6.02
C LYS A 97 -13.67 29.06 7.03
N ARG A 98 -13.84 27.83 6.54
CA ARG A 98 -14.17 26.68 7.40
C ARG A 98 -13.01 26.29 8.31
N ILE A 99 -11.79 26.50 7.84
CA ILE A 99 -10.61 26.22 8.65
C ILE A 99 -10.43 27.31 9.69
N GLN A 100 -10.50 28.57 9.25
CA GLN A 100 -10.35 29.72 10.14
C GLN A 100 -11.33 29.69 11.31
N ARG A 101 -12.52 29.11 11.07
CA ARG A 101 -13.50 29.00 12.15
C ARG A 101 -13.59 27.61 12.78
N GLU A 102 -12.44 26.93 12.87
CA GLU A 102 -12.32 25.71 13.65
C GLU A 102 -10.97 25.71 14.40
N SER A 103 -10.28 26.85 14.29
CA SER A 103 -9.33 27.44 15.25
C SER A 103 -8.79 26.65 16.48
N GLN A 104 -7.59 27.01 16.96
CA GLN A 104 -6.76 28.06 16.36
C GLN A 104 -5.76 27.44 15.39
N THR A 105 -5.89 26.12 15.27
CA THR A 105 -5.43 25.34 14.13
C THR A 105 -4.33 25.94 13.25
N SER A 106 -4.66 26.12 11.98
CA SER A 106 -3.67 26.44 10.97
C SER A 106 -3.94 27.79 10.30
N HIS A 107 -3.11 28.77 10.61
CA HIS A 107 -3.38 30.16 10.22
C HIS A 107 -2.34 30.78 9.30
N ASP A 108 -1.83 29.99 8.36
CA ASP A 108 -0.94 30.52 7.31
C ASP A 108 -1.22 29.90 5.93
N PHE A 109 -2.04 30.56 5.13
CA PHE A 109 -2.51 30.01 3.86
C PHE A 109 -1.69 30.44 2.64
N HIS A 110 -1.45 29.48 1.74
CA HIS A 110 -0.79 29.74 0.47
C HIS A 110 -1.61 29.14 -0.68
N ILE A 111 -1.67 29.85 -1.80
CA ILE A 111 -2.28 29.27 -2.99
C ILE A 111 -1.31 29.31 -4.16
N PHE A 112 -1.06 28.15 -4.77
CA PHE A 112 -0.31 28.07 -6.02
C PHE A 112 -1.32 27.80 -7.13
N TRP A 113 -1.63 28.83 -7.92
CA TRP A 113 -2.50 28.67 -9.08
C TRP A 113 -1.73 28.09 -10.28
N VAL A 114 -2.37 27.20 -11.03
CA VAL A 114 -1.70 26.59 -12.17
C VAL A 114 -2.44 26.88 -13.51
N PRO A 115 -1.74 27.51 -14.47
CA PRO A 115 -0.40 28.11 -14.36
C PRO A 115 -0.48 29.58 -14.06
N ARG A 116 -1.70 30.11 -14.18
CA ARG A 116 -1.90 31.53 -14.16
C ARG A 116 -2.98 31.91 -13.21
N ARG A 117 -2.74 33.01 -12.51
CA ARG A 117 -3.74 33.69 -11.71
C ARG A 117 -4.76 34.36 -12.62
N THR A 118 -6.05 34.08 -12.43
CA THR A 118 -7.09 34.78 -13.19
C THR A 118 -7.81 35.86 -12.39
N LEU A 119 -8.54 36.70 -13.09
CA LEU A 119 -9.25 37.80 -12.46
C LEU A 119 -10.46 37.25 -11.70
N PHE A 120 -11.14 36.29 -12.32
CA PHE A 120 -12.28 35.64 -11.70
C PHE A 120 -11.92 35.06 -10.34
N SER A 121 -10.79 34.36 -10.27
CA SER A 121 -10.28 33.82 -9.00
C SER A 121 -9.97 34.88 -7.95
N ASP A 122 -9.19 35.91 -8.32
CA ASP A 122 -8.89 37.03 -7.42
C ASP A 122 -10.18 37.67 -6.92
N LYS A 123 -11.21 37.72 -7.77
CA LYS A 123 -12.45 38.35 -7.37
C LYS A 123 -13.23 37.51 -6.37
N VAL A 124 -13.23 36.20 -6.56
CA VAL A 124 -13.98 35.29 -5.68
C VAL A 124 -13.39 35.27 -4.28
N LEU A 125 -12.07 35.31 -4.20
CA LEU A 125 -11.39 35.34 -2.92
C LEU A 125 -11.73 36.62 -2.15
N GLU A 126 -11.74 37.75 -2.86
CA GLU A 126 -12.05 39.04 -2.25
C GLU A 126 -13.50 39.11 -1.86
N GLU A 127 -14.35 38.57 -2.73
CA GLU A 127 -15.78 38.56 -2.50
C GLU A 127 -16.15 37.60 -1.35
N ALA A 128 -15.26 36.68 -1.03
CA ALA A 128 -15.46 35.81 0.14
C ALA A 128 -14.76 36.37 1.37
N GLY A 129 -13.94 37.40 1.19
CA GLY A 129 -13.24 38.06 2.28
C GLY A 129 -11.85 37.53 2.59
N VAL A 130 -11.54 36.33 2.11
CA VAL A 130 -10.29 35.66 2.46
C VAL A 130 -9.08 36.06 1.62
N LEU A 131 -9.24 37.01 0.71
CA LEU A 131 -8.18 37.30 -0.25
C LEU A 131 -6.93 37.89 0.41
N GLY A 132 -7.12 38.66 1.47
CA GLY A 132 -5.99 39.24 2.16
C GLY A 132 -5.43 38.31 3.23
N ASP A 133 -5.65 37.01 3.04
CA ASP A 133 -5.17 36.01 4.00
C ASP A 133 -4.23 35.00 3.36
N ALA A 134 -4.40 34.81 2.05
CA ALA A 134 -3.60 33.84 1.31
C ALA A 134 -2.45 34.51 0.56
N ASN A 135 -1.24 34.01 0.76
CA ASN A 135 -0.12 34.40 -0.09
C ASN A 135 -0.20 33.64 -1.41
N ILE A 136 -0.44 34.40 -2.48
CA ILE A 136 -0.78 33.83 -3.78
C ILE A 136 0.38 33.83 -4.75
N SER A 137 0.78 32.64 -5.21
CA SER A 137 1.82 32.51 -6.22
C SER A 137 1.24 31.93 -7.52
N GLU A 138 2.08 31.83 -8.54
CA GLU A 138 1.69 31.19 -9.79
C GLU A 138 2.65 30.07 -10.20
N LEU A 139 2.13 28.87 -10.42
CA LEU A 139 2.94 27.71 -10.82
C LEU A 139 2.79 27.46 -12.32
N PRO A 140 3.78 27.86 -13.13
CA PRO A 140 3.65 27.75 -14.60
C PRO A 140 3.83 26.30 -15.14
N LEU A 141 2.98 25.37 -14.69
CA LEU A 141 2.94 24.02 -15.23
C LEU A 141 1.98 23.97 -16.41
N TYR A 142 2.49 23.58 -17.58
CA TYR A 142 1.64 23.44 -18.76
C TYR A 142 1.60 21.99 -19.21
N PHE A 143 2.60 21.61 -20.01
CA PHE A 143 2.75 20.22 -20.45
C PHE A 143 3.25 19.34 -19.31
N PHE A 144 2.61 18.19 -19.15
CA PHE A 144 3.13 17.10 -18.34
C PHE A 144 3.65 16.04 -19.30
N PRO A 145 4.95 15.67 -19.16
CA PRO A 145 5.54 14.64 -20.03
C PRO A 145 5.20 13.20 -19.59
N LEU A 146 4.18 12.60 -20.22
CA LEU A 146 3.76 11.23 -19.91
C LEU A 146 4.75 10.19 -20.43
N GLU A 147 5.41 10.50 -21.55
CA GLU A 147 6.51 9.71 -22.11
C GLU A 147 7.51 10.68 -22.73
N ARG A 148 8.62 10.17 -23.26
CA ARG A 148 9.61 11.05 -23.88
C ARG A 148 9.03 11.73 -25.12
N ASP A 149 8.04 11.09 -25.72
CA ASP A 149 7.44 11.55 -26.97
C ASP A 149 5.99 12.06 -26.85
N VAL A 150 5.48 12.18 -25.62
CA VAL A 150 4.10 12.59 -25.38
C VAL A 150 3.99 13.66 -24.27
N LEU A 151 3.63 14.86 -24.66
CA LEU A 151 3.37 15.96 -23.74
C LEU A 151 1.88 16.24 -23.66
N SER A 152 1.35 16.34 -22.45
CA SER A 152 -0.08 16.57 -22.29
C SER A 152 -0.41 17.70 -21.32
N LEU A 153 -1.40 18.52 -21.69
CA LEU A 153 -1.88 19.54 -20.79
C LEU A 153 -2.66 18.90 -19.64
N GLU A 154 -3.12 17.66 -19.84
CA GLU A 154 -3.92 16.94 -18.84
C GLU A 154 -5.16 17.72 -18.40
N LEU A 155 -5.78 18.37 -19.36
CA LEU A 155 -7.02 19.08 -19.14
C LEU A 155 -8.15 18.10 -19.44
N ASN A 156 -8.50 17.25 -18.49
CA ASN A 156 -9.48 16.20 -18.73
C ASN A 156 -10.92 16.67 -19.01
N ASP A 157 -11.23 17.94 -18.72
CA ASP A 157 -12.52 18.51 -19.08
C ASP A 157 -12.49 19.43 -20.31
N SER A 158 -11.34 19.48 -21.00
CA SER A 158 -11.13 20.43 -22.08
C SER A 158 -11.97 20.14 -23.32
N PHE A 159 -12.21 18.86 -23.60
CA PHE A 159 -13.14 18.53 -24.68
C PHE A 159 -14.51 19.15 -24.41
N ARG A 160 -15.08 18.86 -23.24
CA ARG A 160 -16.36 19.45 -22.86
C ARG A 160 -16.28 20.98 -22.80
N ASP A 161 -15.31 21.50 -22.07
CA ASP A 161 -15.13 22.95 -21.93
C ASP A 161 -15.11 23.64 -23.30
N LEU A 162 -14.31 23.12 -24.23
CA LEU A 162 -14.10 23.79 -25.51
C LEU A 162 -15.27 23.62 -26.48
N TYR A 163 -15.66 22.39 -26.74
CA TYR A 163 -16.69 22.06 -27.73
C TYR A 163 -18.12 22.15 -27.28
N LEU A 164 -18.39 21.99 -25.99
CA LEU A 164 -19.77 22.11 -25.48
C LEU A 164 -20.02 23.51 -24.90
N ALA A 165 -19.23 23.86 -23.88
CA ALA A 165 -19.37 25.11 -23.17
C ALA A 165 -18.82 26.34 -23.90
N LYS A 166 -18.04 26.12 -24.96
CA LYS A 166 -17.38 27.20 -25.72
C LYS A 166 -16.43 28.07 -24.90
N ASP A 167 -15.77 27.47 -23.92
CA ASP A 167 -14.69 28.13 -23.19
C ASP A 167 -13.42 28.07 -24.05
N PRO A 168 -12.85 29.24 -24.36
CA PRO A 168 -11.64 29.36 -25.18
C PRO A 168 -10.37 29.00 -24.41
N THR A 169 -10.47 28.85 -23.10
CA THR A 169 -9.28 28.67 -22.28
C THR A 169 -8.30 27.55 -22.70
N PRO A 170 -8.81 26.32 -23.04
CA PRO A 170 -7.87 25.26 -23.45
C PRO A 170 -6.98 25.66 -24.61
N VAL A 171 -7.55 26.38 -25.58
CA VAL A 171 -6.83 26.88 -26.73
C VAL A 171 -5.78 27.92 -26.33
N PHE A 172 -6.16 28.89 -25.50
CA PHE A 172 -5.18 29.85 -24.96
C PHE A 172 -4.03 29.20 -24.19
N LEU A 173 -4.34 28.23 -23.35
CA LEU A 173 -3.31 27.59 -22.54
C LEU A 173 -2.36 26.78 -23.43
N LEU A 174 -2.90 26.11 -24.45
CA LEU A 174 -2.06 25.33 -25.35
C LEU A 174 -1.07 26.24 -26.08
N SER A 175 -1.54 27.38 -26.59
CA SER A 175 -0.62 28.25 -27.29
C SER A 175 0.47 28.85 -26.38
N ARG A 176 0.12 29.17 -25.14
CA ARG A 176 1.16 29.59 -24.20
C ARG A 176 2.19 28.47 -23.99
N ALA A 177 1.72 27.25 -23.81
CA ALA A 177 2.63 26.12 -23.61
C ALA A 177 3.58 26.00 -24.80
N LEU A 178 3.01 26.13 -26.00
CA LEU A 178 3.76 26.08 -27.26
C LEU A 178 4.76 27.26 -27.42
N MSE A 179 4.35 28.46 -27.03
CA MSE A 179 5.24 29.61 -27.00
C MSE A 179 6.43 29.41 -26.06
O MSE A 179 7.52 29.89 -26.33
CB MSE A 179 4.48 30.88 -26.63
CG MSE A 179 5.36 32.13 -26.53
SE MSE A 179 6.41 32.53 -28.14
CE MSE A 179 4.87 32.83 -29.31
N GLY A 180 6.21 28.71 -24.95
CA GLY A 180 7.27 28.39 -24.02
C GLY A 180 8.40 27.64 -24.68
N ILE A 181 8.05 26.76 -25.61
CA ILE A 181 9.03 25.93 -26.28
C ILE A 181 9.84 26.79 -27.25
N GLN A 182 9.15 27.72 -27.91
CA GLN A 182 9.79 28.67 -28.82
C GLN A 182 10.80 29.56 -28.09
N LYS A 183 10.47 29.97 -26.87
CA LYS A 183 11.36 30.79 -26.05
C LYS A 183 12.66 30.04 -25.70
N LYS A 184 12.60 28.72 -25.62
CA LYS A 184 13.76 27.94 -25.22
C LYS A 184 14.53 27.32 -26.40
N HIS A 185 13.89 27.15 -27.56
CA HIS A 185 14.53 26.44 -28.66
C HIS A 185 14.40 27.16 -29.98
N GLY A 186 13.79 28.33 -29.97
CA GLY A 186 13.65 29.11 -31.18
C GLY A 186 12.27 28.98 -31.76
N LEU A 187 11.92 29.88 -32.67
CA LEU A 187 10.64 29.83 -33.35
C LEU A 187 10.49 28.55 -34.17
N PHE A 188 9.27 28.02 -34.19
CA PHE A 188 8.91 26.98 -35.13
C PHE A 188 9.09 27.60 -36.52
N PRO A 189 9.95 27.02 -37.37
CA PRO A 189 10.13 27.55 -38.72
C PRO A 189 8.81 27.57 -39.47
N ARG A 190 8.00 26.55 -39.25
CA ARG A 190 6.68 26.46 -39.88
C ARG A 190 5.59 26.15 -38.85
N ILE A 191 4.44 26.80 -39.03
CA ILE A 191 3.23 26.49 -38.26
C ILE A 191 2.15 26.00 -39.20
N ILE A 192 1.93 24.67 -39.15
CA ILE A 192 1.10 23.96 -40.10
C ILE A 192 -0.12 23.30 -39.41
N GLY A 193 -1.30 23.36 -39.99
CA GLY A 193 -2.43 22.66 -39.42
C GLY A 193 -3.77 22.69 -40.14
N LYS A 194 -4.74 22.01 -39.53
CA LYS A 194 -6.10 21.85 -40.05
C LYS A 194 -7.12 22.13 -38.96
N GLY A 195 -8.04 23.04 -39.21
CA GLY A 195 -9.12 23.23 -38.27
C GLY A 195 -9.20 24.59 -37.62
N GLU A 196 -10.42 24.94 -37.27
CA GLU A 196 -10.76 26.26 -36.75
C GLU A 196 -9.98 26.56 -35.46
N ASN A 197 -9.83 25.57 -34.59
CA ASN A 197 -9.18 25.82 -33.30
C ASN A 197 -7.67 25.77 -33.40
N ALA A 198 -7.18 24.87 -34.24
CA ALA A 198 -5.77 24.81 -34.55
C ALA A 198 -5.31 26.15 -35.21
N LYS A 199 -6.12 26.66 -36.13
CA LYS A 199 -5.87 27.95 -36.77
C LYS A 199 -5.73 29.03 -35.69
N ARG A 200 -6.65 29.04 -34.73
CA ARG A 200 -6.55 30.00 -33.63
C ARG A 200 -5.29 29.84 -32.79
N VAL A 201 -4.79 28.61 -32.69
CA VAL A 201 -3.54 28.40 -31.99
C VAL A 201 -2.41 29.12 -32.73
N ALA A 202 -2.42 28.99 -34.07
CA ALA A 202 -1.41 29.61 -34.89
C ALA A 202 -1.52 31.13 -34.74
N ASP A 203 -2.72 31.67 -34.89
CA ASP A 203 -2.94 33.09 -34.72
C ASP A 203 -2.40 33.62 -33.40
N LEU A 204 -2.70 32.94 -32.29
CA LEU A 204 -2.21 33.36 -30.98
C LEU A 204 -0.68 33.23 -30.88
N LEU A 205 -0.11 32.22 -31.52
CA LEU A 205 1.34 32.11 -31.57
C LEU A 205 1.94 33.27 -32.37
N SER A 206 1.28 33.63 -33.46
CA SER A 206 1.71 34.75 -34.26
C SER A 206 1.66 36.04 -33.45
N ARG A 207 0.49 36.40 -32.94
CA ARG A 207 0.34 37.66 -32.22
C ARG A 207 1.20 37.71 -30.95
N MSE A 208 1.52 36.56 -30.36
CA MSE A 208 2.43 36.56 -29.21
C MSE A 208 3.84 36.96 -29.64
O MSE A 208 4.51 37.73 -28.95
CB MSE A 208 2.44 35.20 -28.47
CG MSE A 208 1.21 34.91 -27.62
SE MSE A 208 1.08 33.07 -26.89
CE MSE A 208 1.89 33.32 -25.14
N ARG A 209 4.29 36.43 -30.78
CA ARG A 209 5.59 36.78 -31.34
C ARG A 209 5.67 38.29 -31.57
N GLN A 210 4.65 38.81 -32.23
CA GLN A 210 4.53 40.23 -32.52
C GLN A 210 4.61 41.12 -31.29
N GLU A 211 4.14 40.61 -30.15
CA GLU A 211 4.22 41.33 -28.88
C GLU A 211 5.65 41.33 -28.31
N LEU A 212 6.30 40.17 -28.39
CA LEU A 212 7.70 40.04 -27.95
C LEU A 212 8.64 41.06 -28.61
N LEU A 213 8.42 41.32 -29.89
CA LEU A 213 9.13 42.37 -30.60
C LEU A 213 8.73 43.75 -30.07
N ALA A 214 9.05 43.99 -28.80
CA ALA A 214 8.75 45.25 -28.12
C ALA A 214 9.43 45.24 -26.76
N GLY A 225 14.68 39.57 -31.12
CA GLY A 225 15.49 38.75 -30.24
C GLY A 225 15.11 37.29 -30.27
N LEU A 226 14.19 36.92 -31.17
CA LEU A 226 13.73 35.54 -31.28
C LEU A 226 13.85 35.02 -32.72
N SER A 227 14.57 33.92 -32.88
CA SER A 227 14.88 33.43 -34.23
C SER A 227 14.36 32.02 -34.45
N PRO A 228 14.10 31.65 -35.72
CA PRO A 228 13.78 30.27 -36.09
C PRO A 228 14.72 29.27 -35.43
N SER A 229 14.17 28.13 -35.03
CA SER A 229 14.96 27.09 -34.37
C SER A 229 15.94 26.52 -35.39
N THR A 230 17.06 26.01 -34.90
CA THR A 230 17.97 25.26 -35.74
C THR A 230 17.68 23.79 -35.53
N THR A 231 16.99 23.48 -34.43
CA THR A 231 16.74 22.10 -34.00
C THR A 231 15.30 21.59 -34.19
N ILE A 232 14.38 22.47 -34.55
CA ILE A 232 12.98 22.11 -34.77
C ILE A 232 12.56 22.28 -36.23
N GLU A 233 12.05 21.22 -36.83
CA GLU A 233 11.56 21.29 -38.20
C GLU A 233 10.27 22.10 -38.33
N SER A 234 9.23 21.71 -37.61
CA SER A 234 7.96 22.45 -37.63
C SER A 234 7.02 22.02 -36.51
N VAL A 235 5.86 22.67 -36.45
CA VAL A 235 4.77 22.20 -35.61
C VAL A 235 3.53 21.95 -36.47
N ILE A 236 2.93 20.78 -36.32
CA ILE A 236 1.68 20.47 -37.03
C ILE A 236 0.52 20.40 -36.02
N ILE A 237 -0.53 21.15 -36.30
CA ILE A 237 -1.62 21.29 -35.35
C ILE A 237 -2.93 20.74 -35.93
N ILE A 238 -3.41 19.64 -35.37
CA ILE A 238 -4.69 19.07 -35.83
C ILE A 238 -5.80 19.39 -34.83
N ASP A 239 -6.92 19.89 -35.32
CA ASP A 239 -8.07 20.19 -34.48
C ASP A 239 -8.92 18.93 -34.42
N ARG A 240 -9.24 18.46 -33.21
CA ARG A 240 -10.01 17.22 -33.00
C ARG A 240 -11.38 17.17 -33.70
N GLU A 241 -12.05 18.31 -33.82
CA GLU A 241 -13.36 18.37 -34.50
C GLU A 241 -13.29 18.06 -36.01
N VAL A 242 -12.07 18.13 -36.57
CA VAL A 242 -11.89 17.78 -37.97
C VAL A 242 -12.22 16.28 -38.12
N ASP A 243 -12.07 15.51 -37.04
CA ASP A 243 -12.19 14.06 -37.11
C ASP A 243 -12.75 13.41 -35.83
N PHE A 244 -14.07 13.43 -35.65
CA PHE A 244 -14.68 12.76 -34.52
C PHE A 244 -14.73 11.24 -34.70
N VAL A 245 -14.68 10.80 -35.95
CA VAL A 245 -14.86 9.39 -36.29
C VAL A 245 -13.83 8.49 -35.60
N THR A 246 -12.58 8.93 -35.58
CA THR A 246 -11.52 8.17 -34.93
C THR A 246 -11.82 7.85 -33.45
N PRO A 247 -12.10 8.86 -32.62
CA PRO A 247 -12.41 8.49 -31.23
C PRO A 247 -13.71 7.68 -31.04
N LEU A 248 -14.69 7.84 -31.92
CA LEU A 248 -15.94 7.09 -31.78
C LEU A 248 -15.69 5.60 -31.94
N LEU A 249 -14.71 5.25 -32.77
CA LEU A 249 -14.43 3.84 -33.04
C LEU A 249 -13.83 3.14 -31.84
N THR A 250 -14.08 1.84 -31.71
CA THR A 250 -13.37 1.04 -30.73
C THR A 250 -11.88 0.91 -31.10
N GLN A 251 -11.01 1.41 -30.24
CA GLN A 251 -9.57 1.28 -30.42
C GLN A 251 -9.14 -0.19 -30.30
N LEU A 252 -8.27 -0.63 -31.20
CA LEU A 252 -7.92 -2.04 -31.27
C LEU A 252 -6.44 -2.28 -31.02
N THR A 253 -5.72 -1.26 -30.54
CA THR A 253 -4.40 -1.53 -29.98
C THR A 253 -4.55 -2.02 -28.56
N TYR A 254 -3.46 -2.54 -28.00
CA TYR A 254 -3.51 -3.09 -26.65
C TYR A 254 -3.90 -2.00 -25.66
N GLU A 255 -3.10 -0.92 -25.64
CA GLU A 255 -3.35 0.23 -24.77
C GLU A 255 -4.73 0.82 -25.07
N GLY A 256 -5.07 0.88 -26.36
CA GLY A 256 -6.37 1.37 -26.78
C GLY A 256 -7.54 0.63 -26.14
N LEU A 257 -7.47 -0.69 -26.10
CA LEU A 257 -8.52 -1.51 -25.46
C LEU A 257 -8.50 -1.42 -23.93
N ILE A 258 -7.29 -1.31 -23.36
CA ILE A 258 -7.17 -1.10 -21.92
C ILE A 258 -7.91 0.20 -21.55
N ASP A 259 -7.72 1.21 -22.38
CA ASP A 259 -8.43 2.45 -22.22
C ASP A 259 -9.95 2.27 -22.40
N GLU A 260 -10.36 1.49 -23.41
CA GLU A 260 -11.78 1.30 -23.68
C GLU A 260 -12.50 0.57 -22.56
N TYR A 261 -11.88 -0.47 -22.01
CA TYR A 261 -12.50 -1.35 -21.02
C TYR A 261 -12.18 -1.04 -19.56
N PHE A 262 -10.96 -0.56 -19.30
CA PHE A 262 -10.54 -0.25 -17.93
C PHE A 262 -10.46 1.25 -17.66
N GLY A 263 -10.01 2.02 -18.64
CA GLY A 263 -9.82 3.46 -18.46
C GLY A 263 -8.44 3.84 -17.96
N ILE A 264 -7.70 4.59 -18.77
CA ILE A 264 -6.36 5.03 -18.40
C ILE A 264 -6.31 6.51 -18.01
N GLN A 265 -5.75 6.76 -16.84
CA GLN A 265 -5.61 8.11 -16.32
C GLN A 265 -4.24 8.28 -15.68
N ASN A 266 -3.53 9.34 -16.03
CA ASN A 266 -2.21 9.60 -15.45
C ASN A 266 -1.24 8.43 -15.59
N ASN A 267 -1.25 7.77 -16.75
CA ASN A 267 -0.40 6.60 -16.97
C ASN A 267 -0.75 5.45 -16.02
N GLN A 268 -2.00 5.40 -15.57
CA GLN A 268 -2.43 4.36 -14.63
C GLN A 268 -3.85 3.91 -14.92
N THR A 269 -4.22 2.72 -14.42
CA THR A 269 -5.60 2.23 -14.46
C THR A 269 -5.85 1.32 -13.24
N ASP A 270 -7.13 1.11 -12.94
CA ASP A 270 -7.53 0.21 -11.86
C ASP A 270 -8.09 -1.10 -12.43
N VAL A 271 -7.66 -2.21 -11.83
CA VAL A 271 -8.07 -3.54 -12.27
C VAL A 271 -8.47 -4.37 -11.05
N ASP A 272 -9.38 -5.32 -11.23
CA ASP A 272 -9.77 -6.22 -10.15
C ASP A 272 -8.54 -6.88 -9.52
N ALA A 273 -8.61 -7.17 -8.22
CA ALA A 273 -7.41 -7.56 -7.48
C ALA A 273 -6.87 -8.91 -7.92
N VAL A 274 -7.74 -9.76 -8.45
CA VAL A 274 -7.33 -11.07 -8.94
C VAL A 274 -6.36 -10.93 -10.13
N ILE A 275 -6.50 -9.83 -10.87
CA ILE A 275 -5.67 -9.54 -12.04
C ILE A 275 -4.20 -9.30 -11.67
N VAL A 276 -3.96 -8.61 -10.55
CA VAL A 276 -2.59 -8.35 -10.09
C VAL A 276 -2.00 -9.52 -9.29
N GLY A 277 -2.88 -10.44 -8.87
CA GLY A 277 -2.45 -11.67 -8.22
C GLY A 277 -1.76 -11.54 -6.86
N ALA A 278 -1.94 -10.41 -6.19
CA ALA A 278 -1.39 -10.18 -4.85
C ALA A 278 0.11 -10.46 -4.71
N ARG A 298 -12.88 -4.64 -4.02
CA ARG A 298 -12.09 -3.50 -4.46
C ARG A 298 -11.02 -3.91 -5.48
N LYS A 299 -10.44 -2.90 -6.13
CA LYS A 299 -9.49 -3.09 -7.21
C LYS A 299 -8.15 -2.40 -6.93
N ARG A 300 -7.10 -2.83 -7.62
CA ARG A 300 -5.76 -2.29 -7.41
C ARG A 300 -5.30 -1.39 -8.56
N LYS A 301 -4.37 -0.49 -8.28
CA LYS A 301 -3.83 0.43 -9.28
C LYS A 301 -2.54 -0.12 -9.89
N ILE A 302 -2.44 -0.10 -11.20
CA ILE A 302 -1.23 -0.55 -11.89
C ILE A 302 -0.64 0.57 -12.74
N GLN A 303 0.68 0.64 -12.78
CA GLN A 303 1.36 1.66 -13.58
C GLN A 303 1.39 1.23 -15.04
N LEU A 304 1.18 2.18 -15.95
CA LEU A 304 1.17 1.87 -17.37
C LEU A 304 2.00 2.90 -18.14
N ASP A 305 3.30 2.66 -18.21
CA ASP A 305 4.19 3.54 -18.97
C ASP A 305 5.36 2.78 -19.57
N GLY A 306 6.24 3.52 -20.24
CA GLY A 306 7.30 2.93 -21.02
C GLY A 306 8.48 2.46 -20.18
N SER A 307 8.38 2.60 -18.87
CA SER A 307 9.47 2.15 -18.04
C SER A 307 9.46 0.62 -17.97
N ASP A 308 8.30 0.02 -18.21
CA ASP A 308 8.23 -1.43 -18.24
C ASP A 308 8.58 -1.92 -19.61
N SER A 309 9.59 -2.77 -19.69
CA SER A 309 10.11 -3.22 -20.98
C SER A 309 9.06 -3.92 -21.86
N LEU A 310 8.23 -4.73 -21.21
CA LEU A 310 7.18 -5.50 -21.87
C LEU A 310 6.03 -4.63 -22.38
N TYR A 311 5.53 -3.73 -21.53
CA TYR A 311 4.44 -2.86 -21.93
C TYR A 311 4.86 -1.99 -23.08
N SER A 312 6.14 -1.64 -23.10
CA SER A 312 6.72 -0.87 -24.18
C SER A 312 6.55 -1.56 -25.52
N GLN A 313 6.62 -2.89 -25.51
CA GLN A 313 6.44 -3.69 -26.72
C GLN A 313 5.00 -4.07 -26.99
N LEU A 314 4.14 -3.99 -25.97
CA LEU A 314 2.76 -4.41 -26.11
C LEU A 314 1.84 -3.26 -26.48
N ARG A 315 2.01 -2.11 -25.84
CA ARG A 315 1.04 -1.02 -25.87
C ARG A 315 0.55 -0.59 -27.27
N ASP A 316 1.46 -0.53 -28.24
CA ASP A 316 1.13 -0.02 -29.58
C ASP A 316 0.76 -1.13 -30.57
N ALA A 317 0.82 -2.36 -30.10
CA ALA A 317 0.53 -3.51 -30.94
C ALA A 317 -0.98 -3.70 -31.09
N ASN A 318 -1.40 -4.09 -32.29
CA ASN A 318 -2.78 -4.50 -32.50
C ASN A 318 -3.08 -5.68 -31.56
N PHE A 319 -4.24 -5.65 -30.91
CA PHE A 319 -4.51 -6.65 -29.89
C PHE A 319 -4.46 -8.09 -30.43
N ALA A 320 -4.67 -8.26 -31.72
CA ALA A 320 -4.63 -9.59 -32.33
C ALA A 320 -3.25 -10.27 -32.23
N ILE A 321 -2.17 -9.50 -32.11
CA ILE A 321 -0.86 -10.12 -32.00
C ILE A 321 -0.29 -10.14 -30.58
N VAL A 322 -1.11 -9.72 -29.62
CA VAL A 322 -0.65 -9.61 -28.23
C VAL A 322 -0.42 -10.98 -27.59
N GLY A 323 -1.30 -11.93 -27.84
CA GLY A 323 -1.13 -13.28 -27.31
C GLY A 323 0.21 -13.86 -27.73
N SER A 324 0.55 -13.62 -28.99
CA SER A 324 1.77 -14.11 -29.63
C SER A 324 3.02 -13.40 -29.09
N LEU A 325 2.86 -12.14 -28.76
CA LEU A 325 3.92 -11.32 -28.17
C LEU A 325 4.18 -11.80 -26.74
N LEU A 326 3.12 -12.13 -26.01
CA LEU A 326 3.28 -12.62 -24.64
C LEU A 326 4.01 -13.96 -24.66
N ASN A 327 3.56 -14.83 -25.57
CA ASN A 327 4.18 -16.14 -25.77
C ASN A 327 5.67 -16.06 -26.09
N THR A 328 6.06 -15.19 -27.03
CA THR A 328 7.48 -14.97 -27.34
C THR A 328 8.29 -14.47 -26.14
N VAL A 329 7.69 -13.59 -25.34
CA VAL A 329 8.37 -13.08 -24.15
C VAL A 329 8.53 -14.16 -23.08
N ALA A 330 7.47 -14.92 -22.82
CA ALA A 330 7.49 -16.01 -21.85
C ALA A 330 8.55 -17.04 -22.23
N ARG A 331 8.61 -17.38 -23.52
CA ARG A 331 9.61 -18.30 -24.04
C ARG A 331 11.03 -17.77 -23.89
N ARG A 332 11.24 -16.50 -24.23
CA ARG A 332 12.56 -15.91 -24.10
C ARG A 332 12.97 -15.93 -22.63
N LEU A 333 11.99 -15.79 -21.74
CA LEU A 333 12.21 -15.79 -20.29
C LEU A 333 12.59 -17.16 -19.77
N LYS A 334 11.80 -18.16 -20.16
CA LYS A 334 12.09 -19.54 -19.83
C LYS A 334 13.50 -19.93 -20.33
N SER A 335 13.87 -19.42 -21.50
CA SER A 335 15.16 -19.73 -22.10
C SER A 335 16.33 -19.11 -21.36
N ASP A 336 16.13 -17.90 -20.85
CA ASP A 336 17.16 -17.21 -20.07
C ASP A 336 17.34 -17.88 -18.71
N TYR A 337 16.24 -18.30 -18.10
CA TYR A 337 16.29 -18.99 -16.81
C TYR A 337 17.01 -20.33 -16.96
N GLU A 338 16.62 -21.10 -17.96
CA GLU A 338 17.23 -22.41 -18.18
C GLU A 338 18.65 -22.35 -18.77
N SER A 339 19.06 -21.19 -19.30
CA SER A 339 20.40 -21.03 -19.87
C SER A 339 21.46 -21.44 -18.85
N ARG A 340 21.99 -22.65 -18.99
CA ARG A 340 22.90 -23.25 -18.01
C ARG A 340 24.34 -22.75 -18.05
N THR A 346 27.99 -21.48 -4.96
CA THR A 346 29.17 -20.67 -4.66
C THR A 346 28.82 -19.21 -4.38
N ALA A 347 29.58 -18.28 -4.93
CA ALA A 347 29.25 -16.86 -4.78
C ALA A 347 28.39 -16.39 -5.95
N GLU A 348 28.02 -17.33 -6.82
CA GLU A 348 27.05 -17.03 -7.85
C GLU A 348 25.64 -17.28 -7.29
N LEU A 349 25.59 -17.92 -6.13
CA LEU A 349 24.35 -18.04 -5.36
C LEU A 349 23.93 -16.68 -4.80
N LYS A 350 24.89 -15.87 -4.37
CA LYS A 350 24.58 -14.52 -3.92
C LYS A 350 24.29 -13.61 -5.11
N GLU A 351 24.87 -13.94 -6.25
CA GLU A 351 24.58 -13.21 -7.49
C GLU A 351 23.11 -13.41 -7.84
N PHE A 352 22.64 -14.64 -7.64
CA PHE A 352 21.26 -14.98 -7.91
C PHE A 352 20.31 -14.14 -7.07
N VAL A 353 20.60 -13.96 -5.78
CA VAL A 353 19.68 -13.23 -4.93
C VAL A 353 19.69 -11.73 -5.21
N LYS A 354 20.80 -11.23 -5.76
CA LYS A 354 20.84 -9.83 -6.14
C LYS A 354 19.96 -9.61 -7.36
N LYS A 355 19.95 -10.61 -8.25
CA LYS A 355 19.10 -10.62 -9.44
C LYS A 355 17.65 -11.02 -9.15
N LEU A 356 17.37 -11.47 -7.93
CA LEU A 356 16.01 -11.79 -7.52
C LEU A 356 14.96 -10.68 -7.75
N PRO A 357 15.26 -9.41 -7.34
CA PRO A 357 14.23 -8.38 -7.57
C PRO A 357 13.90 -8.15 -9.06
N GLY A 358 14.90 -8.21 -9.94
CA GLY A 358 14.65 -8.04 -11.36
C GLY A 358 13.86 -9.21 -11.94
N TYR A 359 13.90 -10.34 -11.26
CA TYR A 359 13.19 -11.52 -11.75
C TYR A 359 11.71 -11.47 -11.43
N GLN A 360 11.37 -10.97 -10.25
CA GLN A 360 9.96 -10.75 -9.91
C GLN A 360 9.31 -9.68 -10.79
N ALA A 361 10.02 -8.57 -11.01
CA ALA A 361 9.50 -7.47 -11.81
C ALA A 361 9.09 -7.91 -13.23
N GLU A 362 9.98 -8.66 -13.90
CA GLU A 362 9.72 -9.22 -15.23
C GLU A 362 8.56 -10.18 -15.18
N GLN A 363 8.61 -11.05 -14.18
CA GLN A 363 7.59 -12.04 -13.93
C GLN A 363 6.24 -11.38 -13.67
N GLN A 364 6.26 -10.36 -12.81
CA GLN A 364 5.04 -9.66 -12.42
C GLN A 364 4.45 -8.94 -13.60
N SER A 365 5.32 -8.30 -14.38
CA SER A 365 4.85 -7.66 -15.60
C SER A 365 4.22 -8.67 -16.56
N LEU A 366 4.90 -9.78 -16.81
CA LEU A 366 4.34 -10.80 -17.71
C LEU A 366 3.02 -11.36 -17.18
N LYS A 367 2.98 -11.67 -15.88
CA LYS A 367 1.76 -12.18 -15.25
C LYS A 367 0.59 -11.21 -15.36
N ILE A 368 0.83 -9.95 -15.00
CA ILE A 368 -0.21 -8.92 -15.08
C ILE A 368 -0.73 -8.72 -16.51
N HIS A 369 0.16 -8.52 -17.47
CA HIS A 369 -0.31 -8.36 -18.84
C HIS A 369 -0.96 -9.61 -19.43
N SER A 370 -0.53 -10.80 -19.04
CA SER A 370 -1.23 -12.01 -19.45
C SER A 370 -2.67 -12.01 -18.92
N ASN A 371 -2.83 -11.57 -17.69
CA ASN A 371 -4.13 -11.57 -17.03
C ASN A 371 -5.08 -10.53 -17.62
N ILE A 372 -4.54 -9.36 -17.92
CA ILE A 372 -5.28 -8.31 -18.62
C ILE A 372 -5.71 -8.77 -20.01
N ALA A 373 -4.77 -9.35 -20.76
CA ALA A 373 -5.07 -9.82 -22.11
C ALA A 373 -6.22 -10.83 -22.09
N GLU A 374 -6.20 -11.74 -21.12
CA GLU A 374 -7.24 -12.76 -21.00
C GLU A 374 -8.59 -12.14 -20.68
N GLU A 375 -8.59 -11.12 -19.83
CA GLU A 375 -9.76 -10.33 -19.55
C GLU A 375 -10.34 -9.68 -20.83
N ILE A 376 -9.49 -8.97 -21.57
CA ILE A 376 -9.92 -8.30 -22.80
C ILE A 376 -10.40 -9.31 -23.85
N ILE A 377 -9.72 -10.46 -23.90
CA ILE A 377 -10.11 -11.57 -24.77
C ILE A 377 -11.54 -11.98 -24.48
N ASN A 378 -11.87 -12.09 -23.19
CA ASN A 378 -13.23 -12.43 -22.81
C ASN A 378 -14.23 -11.40 -23.34
N TYR A 379 -13.97 -10.12 -23.08
CA TYR A 379 -14.85 -9.04 -23.53
C TYR A 379 -15.08 -9.13 -25.03
N THR A 380 -13.99 -9.32 -25.77
CA THR A 380 -14.09 -9.20 -27.23
C THR A 380 -14.67 -10.44 -27.90
N ARG A 381 -15.13 -11.40 -27.09
CA ARG A 381 -15.70 -12.62 -27.63
C ARG A 381 -17.22 -12.63 -27.55
N THR A 382 -17.78 -11.68 -26.79
CA THR A 382 -19.21 -11.64 -26.62
C THR A 382 -19.90 -11.30 -27.94
N GLU A 383 -21.17 -11.63 -28.04
CA GLU A 383 -21.93 -11.32 -29.25
C GLU A 383 -22.10 -9.82 -29.36
N ILE A 384 -22.29 -9.15 -28.23
CA ILE A 384 -22.45 -7.71 -28.25
C ILE A 384 -21.21 -7.04 -28.83
N PHE A 385 -20.03 -7.43 -28.36
CA PHE A 385 -18.83 -6.84 -28.91
C PHE A 385 -18.67 -7.14 -30.40
N ASN A 386 -18.91 -8.38 -30.80
CA ASN A 386 -18.76 -8.73 -32.21
C ASN A 386 -19.75 -8.00 -33.10
N LYS A 387 -20.93 -7.72 -32.55
CA LYS A 387 -21.97 -7.00 -33.25
C LYS A 387 -21.62 -5.51 -33.40
N LEU A 388 -21.16 -4.93 -32.30
CA LEU A 388 -20.62 -3.58 -32.29
C LEU A 388 -19.57 -3.33 -33.37
N LEU A 389 -18.54 -4.18 -33.35
CA LEU A 389 -17.39 -4.06 -34.22
C LEU A 389 -17.86 -4.10 -35.66
N GLU A 390 -18.82 -4.99 -35.91
CA GLU A 390 -19.36 -5.18 -37.24
C GLU A 390 -20.06 -3.93 -37.78
N VAL A 391 -20.90 -3.31 -36.97
CA VAL A 391 -21.57 -2.08 -37.39
C VAL A 391 -20.54 -0.95 -37.61
N GLN A 392 -19.57 -0.84 -36.69
CA GLN A 392 -18.52 0.16 -36.83
C GLN A 392 -17.71 -0.05 -38.10
N GLN A 393 -17.31 -1.30 -38.36
CA GLN A 393 -16.44 -1.54 -39.50
C GLN A 393 -17.21 -1.39 -40.82
N ASN A 394 -18.48 -1.74 -40.83
CA ASN A 394 -19.31 -1.47 -42.01
C ASN A 394 -19.46 0.02 -42.30
N LEU A 395 -19.89 0.78 -41.28
CA LEU A 395 -20.04 2.22 -41.44
C LEU A 395 -18.70 2.83 -41.91
N ALA A 396 -17.61 2.42 -41.27
CA ALA A 396 -16.29 2.94 -41.60
C ALA A 396 -15.88 2.61 -43.04
N ALA A 397 -16.24 1.41 -43.47
CA ALA A 397 -15.93 0.91 -44.80
C ALA A 397 -16.73 1.65 -45.86
N GLY A 398 -17.91 2.13 -45.51
CA GLY A 398 -18.72 2.94 -46.41
C GLY A 398 -20.05 2.32 -46.80
N ALA A 399 -20.47 1.26 -46.11
CA ALA A 399 -21.77 0.65 -46.40
C ALA A 399 -22.85 1.68 -46.14
N ASP A 400 -23.99 1.47 -46.80
CA ASP A 400 -25.14 2.33 -46.60
C ASP A 400 -25.59 2.17 -45.16
N PRO A 401 -25.57 3.27 -44.40
CA PRO A 401 -25.84 3.20 -42.95
C PRO A 401 -27.24 2.68 -42.62
N SER A 402 -28.18 2.77 -43.56
CA SER A 402 -29.52 2.19 -43.37
C SER A 402 -29.44 0.65 -43.28
N SER A 403 -28.40 0.07 -43.86
CA SER A 403 -28.23 -1.37 -43.82
C SER A 403 -27.73 -1.84 -42.45
N GLN A 404 -27.43 -0.89 -41.57
CA GLN A 404 -26.93 -1.24 -40.25
C GLN A 404 -28.01 -1.04 -39.20
N PHE A 405 -29.14 -0.49 -39.66
CA PHE A 405 -30.29 -0.15 -38.82
C PHE A 405 -30.82 -1.29 -37.93
N ASP A 406 -30.97 -2.48 -38.52
CA ASP A 406 -31.54 -3.58 -37.78
C ASP A 406 -30.55 -4.05 -36.71
N SER A 407 -29.26 -4.01 -37.06
CA SER A 407 -28.19 -4.37 -36.13
C SER A 407 -28.17 -3.44 -34.92
N ILE A 408 -28.31 -2.14 -35.16
CA ILE A 408 -28.32 -1.17 -34.07
C ILE A 408 -29.50 -1.38 -33.12
N GLU A 409 -30.67 -1.60 -33.69
CA GLU A 409 -31.88 -1.85 -32.94
C GLU A 409 -31.73 -3.11 -32.10
N GLU A 410 -31.09 -4.13 -32.67
CA GLU A 410 -30.85 -5.39 -31.96
C GLU A 410 -29.88 -5.17 -30.80
N LEU A 411 -28.90 -4.30 -31.01
CA LEU A 411 -27.96 -3.95 -29.94
C LEU A 411 -28.74 -3.30 -28.79
N VAL A 412 -29.67 -2.40 -29.09
CA VAL A 412 -30.52 -1.85 -28.02
C VAL A 412 -31.35 -2.92 -27.28
N ALA A 413 -32.00 -3.81 -28.01
CA ALA A 413 -32.75 -4.92 -27.40
C ALA A 413 -31.92 -5.71 -26.38
N ARG A 414 -30.65 -5.95 -26.71
CA ARG A 414 -29.78 -6.72 -25.84
C ARG A 414 -29.21 -5.88 -24.70
N ASP A 415 -29.66 -4.64 -24.59
CA ASP A 415 -29.20 -3.75 -23.52
C ASP A 415 -27.68 -3.57 -23.51
N THR A 416 -27.06 -3.30 -24.66
CA THR A 416 -25.64 -3.01 -24.63
C THR A 416 -25.51 -1.64 -23.96
N PRO A 417 -24.39 -1.42 -23.25
CA PRO A 417 -24.19 -0.18 -22.49
C PRO A 417 -24.43 1.09 -23.30
N LEU A 418 -25.05 2.09 -22.67
CA LEU A 418 -25.39 3.33 -23.35
C LEU A 418 -24.25 3.99 -24.16
N PRO A 419 -23.05 4.13 -23.55
CA PRO A 419 -21.98 4.80 -24.31
C PRO A 419 -21.68 4.15 -25.66
N GLN A 420 -21.70 2.82 -25.72
CA GLN A 420 -21.48 2.08 -26.95
C GLN A 420 -22.57 2.28 -27.99
N VAL A 421 -23.82 2.42 -27.56
CA VAL A 421 -24.89 2.67 -28.53
C VAL A 421 -24.76 4.13 -29.07
N LEU A 422 -24.58 5.08 -28.17
CA LEU A 422 -24.42 6.48 -28.56
C LEU A 422 -23.27 6.66 -29.54
N ARG A 423 -22.13 6.00 -29.26
CA ARG A 423 -20.96 6.07 -30.16
C ARG A 423 -21.27 5.55 -31.57
N LEU A 424 -22.17 4.57 -31.68
CA LEU A 424 -22.61 4.10 -33.00
C LEU A 424 -23.45 5.16 -33.74
N LEU A 425 -24.45 5.68 -33.05
CA LEU A 425 -25.29 6.74 -33.59
C LEU A 425 -24.46 7.95 -34.03
N CYS A 426 -23.43 8.26 -33.26
CA CYS A 426 -22.56 9.36 -33.64
C CYS A 426 -21.70 9.07 -34.86
N LEU A 427 -21.15 7.86 -34.92
CA LEU A 427 -20.35 7.41 -36.07
C LEU A 427 -21.19 7.49 -37.33
N TYR A 428 -22.36 6.90 -37.24
CA TYR A 428 -23.37 6.95 -38.27
C TYR A 428 -23.54 8.39 -38.76
N SER A 429 -23.95 9.29 -37.86
CA SER A 429 -24.12 10.70 -38.20
C SER A 429 -22.84 11.37 -38.74
N CYS A 430 -21.72 11.20 -38.04
CA CYS A 430 -20.48 11.87 -38.41
C CYS A 430 -19.91 11.33 -39.71
N ILE A 431 -20.13 10.05 -40.00
CA ILE A 431 -19.55 9.52 -41.23
C ILE A 431 -20.40 9.75 -42.49
N SER A 432 -21.71 9.84 -42.36
CA SER A 432 -22.57 9.95 -43.53
C SER A 432 -23.23 11.32 -43.73
N GLY A 433 -22.70 12.34 -43.09
CA GLY A 433 -23.31 13.65 -43.17
C GLY A 433 -24.72 13.68 -42.61
N GLY A 434 -24.89 13.19 -41.39
CA GLY A 434 -26.18 13.19 -40.74
C GLY A 434 -27.01 11.93 -40.91
N ILE A 435 -27.94 11.74 -39.99
CA ILE A 435 -28.85 10.59 -40.02
C ILE A 435 -30.16 10.99 -40.67
N LYS A 436 -30.73 10.08 -41.48
CA LYS A 436 -32.08 10.24 -42.05
C LYS A 436 -33.06 10.56 -40.93
N THR A 437 -33.84 11.64 -41.10
CA THR A 437 -34.76 12.13 -40.08
C THR A 437 -35.61 11.02 -39.49
N LYS A 438 -36.15 10.18 -40.37
CA LYS A 438 -37.07 9.15 -39.92
C LYS A 438 -36.37 8.09 -39.08
N GLU A 439 -35.11 7.83 -39.39
CA GLU A 439 -34.33 6.90 -38.57
C GLU A 439 -33.93 7.57 -37.24
N LEU A 440 -33.60 8.85 -37.29
CA LEU A 440 -33.21 9.64 -36.12
C LEU A 440 -34.28 9.56 -35.04
N ASP A 441 -35.52 9.78 -35.45
CA ASP A 441 -36.64 9.78 -34.51
C ASP A 441 -36.84 8.40 -33.88
N HIS A 442 -36.59 7.35 -34.66
CA HIS A 442 -36.69 6.00 -34.15
C HIS A 442 -35.58 5.73 -33.12
N PHE A 443 -34.33 6.01 -33.53
CA PHE A 443 -33.18 5.84 -32.66
C PHE A 443 -33.34 6.64 -31.38
N ARG A 444 -33.76 7.89 -31.54
CA ARG A 444 -34.01 8.75 -30.39
C ARG A 444 -34.98 8.07 -29.41
N ARG A 445 -36.04 7.50 -29.93
CA ARG A 445 -36.99 6.82 -29.05
C ARG A 445 -36.41 5.58 -28.37
N LEU A 446 -35.70 4.75 -29.12
CA LEU A 446 -35.07 3.54 -28.57
C LEU A 446 -34.16 3.87 -27.39
N VAL A 447 -33.36 4.91 -27.55
CA VAL A 447 -32.42 5.35 -26.52
C VAL A 447 -33.14 5.78 -25.23
N LEU A 448 -34.18 6.59 -25.37
CA LEU A 448 -34.89 7.15 -24.22
C LEU A 448 -35.68 6.09 -23.50
N GLN A 449 -36.37 5.24 -24.26
CA GLN A 449 -37.15 4.16 -23.67
C GLN A 449 -36.20 3.14 -23.06
N GLY A 450 -35.12 2.82 -23.78
CA GLY A 450 -34.21 1.80 -23.31
C GLY A 450 -33.35 2.20 -22.13
N TYR A 451 -32.93 3.46 -22.04
CA TYR A 451 -31.94 3.83 -21.02
C TYR A 451 -32.37 5.00 -20.13
N GLY A 452 -33.45 5.67 -20.49
CA GLY A 452 -33.98 6.71 -19.62
C GLY A 452 -34.22 8.06 -20.27
N HIS A 453 -35.35 8.69 -19.93
CA HIS A 453 -35.73 9.97 -20.53
C HIS A 453 -34.78 11.14 -20.22
N GLN A 454 -33.99 11.02 -19.15
CA GLN A 454 -32.95 11.99 -18.83
C GLN A 454 -32.00 12.19 -20.01
N HIS A 455 -31.86 11.15 -20.84
CA HIS A 455 -30.91 11.22 -21.95
C HIS A 455 -31.38 12.06 -23.13
N LEU A 456 -32.49 12.77 -22.95
CA LEU A 456 -32.90 13.75 -23.95
C LEU A 456 -31.88 14.87 -23.90
N LEU A 457 -31.40 15.15 -22.68
CA LEU A 457 -30.30 16.08 -22.48
C LEU A 457 -29.03 15.58 -23.20
N THR A 458 -28.66 14.32 -22.97
CA THR A 458 -27.52 13.69 -23.63
C THR A 458 -27.57 13.85 -25.14
N LEU A 459 -28.73 13.59 -25.73
CA LEU A 459 -28.88 13.71 -27.17
C LEU A 459 -28.81 15.17 -27.64
N HIS A 460 -29.42 16.09 -26.89
CA HIS A 460 -29.34 17.52 -27.23
C HIS A 460 -27.88 17.97 -27.18
N ASN A 461 -27.13 17.42 -26.23
CA ASN A 461 -25.71 17.73 -26.11
C ASN A 461 -24.89 17.17 -27.27
N LEU A 462 -25.23 15.96 -27.72
CA LEU A 462 -24.60 15.37 -28.88
C LEU A 462 -24.97 16.20 -30.11
N GLU A 463 -26.15 16.79 -30.07
CA GLU A 463 -26.56 17.69 -31.12
C GLU A 463 -25.71 18.99 -31.14
N ARG A 464 -25.48 19.56 -29.97
CA ARG A 464 -24.64 20.75 -29.89
C ARG A 464 -23.22 20.47 -30.33
N LEU A 465 -22.75 19.24 -30.13
CA LEU A 465 -21.39 18.84 -30.49
C LEU A 465 -21.32 18.43 -31.95
N GLN A 466 -22.49 18.40 -32.58
CA GLN A 466 -22.62 18.14 -34.01
C GLN A 466 -22.26 16.72 -34.44
N MSE A 467 -22.38 15.79 -33.50
CA MSE A 467 -22.13 14.38 -33.74
C MSE A 467 -23.44 13.58 -33.79
O MSE A 467 -23.42 12.37 -34.00
CB MSE A 467 -21.23 13.78 -32.66
CG MSE A 467 -19.89 14.45 -32.51
SE MSE A 467 -19.06 13.83 -30.86
CE MSE A 467 -19.21 11.99 -31.26
N PHE A 468 -24.58 14.24 -33.54
CA PHE A 468 -25.86 13.56 -33.66
C PHE A 468 -26.88 14.52 -34.30
N LEU A 469 -26.89 14.49 -35.63
CA LEU A 469 -27.67 15.41 -36.45
C LEU A 469 -28.55 14.71 -37.47
N SER A 470 -29.66 15.34 -37.79
CA SER A 470 -30.51 14.92 -38.90
C SER A 470 -29.92 15.40 -40.22
N LYS A 471 -30.14 14.63 -41.28
CA LYS A 471 -29.72 15.02 -42.63
C LYS A 471 -30.39 16.33 -43.04
N SER A 472 -31.56 16.60 -42.43
CA SER A 472 -32.35 17.77 -42.79
C SER A 472 -31.79 19.03 -42.18
N SER A 473 -30.71 18.89 -41.41
CA SER A 473 -30.03 19.99 -40.74
C SER A 473 -28.89 20.48 -41.58
N PRO A 474 -28.81 21.81 -41.80
CA PRO A 474 -27.77 22.42 -42.64
C PRO A 474 -26.35 22.20 -42.08
N LEU A 475 -26.22 22.23 -40.76
CA LEU A 475 -24.98 21.89 -40.06
C LEU A 475 -24.42 20.48 -40.33
N ALA A 476 -25.26 19.58 -40.83
CA ALA A 476 -24.88 18.17 -41.05
C ALA A 476 -24.15 17.90 -42.37
N SER A 477 -24.33 18.79 -43.35
CA SER A 477 -23.80 18.54 -44.70
C SER A 477 -22.27 18.49 -44.78
N MSE A 478 -21.76 17.51 -45.53
CA MSE A 478 -20.31 17.43 -45.72
C MSE A 478 -19.85 18.25 -46.90
O MSE A 478 -20.60 18.44 -47.85
CB MSE A 478 -19.84 15.97 -45.88
CG MSE A 478 -20.15 15.10 -44.67
SE MSE A 478 -19.92 13.19 -44.99
CE MSE A 478 -18.98 12.80 -43.40
N ILE A 479 -18.61 18.71 -46.85
CA ILE A 479 -18.00 19.48 -47.92
C ILE A 479 -18.02 18.77 -49.27
N THR A 480 -18.48 19.48 -50.30
CA THR A 480 -18.30 19.02 -51.68
C THR A 480 -17.98 20.21 -52.58
N MSE A 481 -17.48 19.93 -53.78
CA MSE A 481 -17.18 20.98 -54.74
C MSE A 481 -18.41 21.30 -55.60
O MSE A 481 -18.53 22.41 -56.11
CB MSE A 481 -15.95 20.68 -55.58
CG MSE A 481 -14.67 20.74 -54.77
SE MSE A 481 -14.63 22.38 -53.66
CE MSE A 481 -14.69 23.71 -55.08
N SER A 482 -19.29 20.32 -55.76
CA SER A 482 -20.61 20.55 -56.35
C SER A 482 -21.62 20.98 -55.28
N GLY A 483 -21.10 21.52 -54.17
CA GLY A 483 -21.83 21.75 -52.94
C GLY A 483 -22.69 23.00 -52.75
N SER A 484 -22.88 23.76 -53.83
CA SER A 484 -23.50 25.10 -53.74
C SER A 484 -22.73 25.90 -52.70
N SER A 485 -23.28 25.95 -51.48
CA SER A 485 -22.56 26.43 -50.31
C SER A 485 -23.37 26.32 -49.03
N GLY A 486 -24.05 27.42 -48.70
CA GLY A 486 -24.47 27.67 -47.34
C GLY A 486 -23.21 27.50 -46.53
N GLY A 487 -23.32 26.84 -45.39
CA GLY A 487 -22.15 26.28 -44.75
C GLY A 487 -21.05 27.21 -44.32
N PRO A 488 -21.23 27.88 -43.17
CA PRO A 488 -20.06 28.47 -42.50
C PRO A 488 -19.10 27.36 -41.97
N ASP A 489 -19.65 26.21 -41.58
CA ASP A 489 -18.86 25.16 -40.93
C ASP A 489 -19.23 23.79 -41.54
N GLN A 490 -19.05 23.65 -42.86
CA GLN A 490 -19.35 22.40 -43.57
C GLN A 490 -18.44 21.27 -43.04
N LYS A 491 -18.97 20.05 -43.01
CA LYS A 491 -18.30 18.95 -42.28
C LYS A 491 -17.33 18.15 -43.14
N THR A 492 -16.34 17.53 -42.49
CA THR A 492 -15.43 16.59 -43.15
C THR A 492 -16.18 15.60 -44.01
N ASN A 493 -15.74 15.42 -45.25
CA ASN A 493 -16.40 14.51 -46.18
C ASN A 493 -15.70 13.15 -46.17
N TYR A 494 -16.25 12.20 -45.42
CA TYR A 494 -15.65 10.87 -45.29
C TYR A 494 -15.89 10.01 -46.54
N THR A 495 -16.98 10.22 -47.26
CA THR A 495 -17.21 9.52 -48.50
C THR A 495 -16.09 9.80 -49.55
N TYR A 496 -15.85 11.08 -49.78
CA TYR A 496 -14.78 11.52 -50.63
C TYR A 496 -13.40 11.12 -50.07
N LEU A 497 -13.09 11.54 -48.84
CA LEU A 497 -11.76 11.33 -48.23
C LEU A 497 -11.39 9.85 -48.01
N ARG A 498 -12.39 8.97 -47.91
CA ARG A 498 -12.12 7.53 -47.76
C ARG A 498 -11.26 7.03 -48.93
N LYS A 499 -11.58 7.51 -50.13
CA LYS A 499 -10.83 7.17 -51.33
C LYS A 499 -9.53 7.97 -51.45
N GLN A 500 -9.65 9.29 -51.35
CA GLN A 500 -8.54 10.19 -51.63
C GLN A 500 -7.42 10.11 -50.64
N LEU A 501 -7.74 9.73 -49.40
CA LEU A 501 -6.71 9.59 -48.36
C LEU A 501 -6.54 8.15 -47.95
N ARG A 502 -7.17 7.25 -48.69
CA ARG A 502 -7.09 5.82 -48.43
C ARG A 502 -7.28 5.46 -46.98
N LEU A 503 -8.47 5.74 -46.46
CA LEU A 503 -8.82 5.42 -45.09
C LEU A 503 -8.95 3.90 -44.83
N ILE A 504 -9.27 3.15 -45.88
CA ILE A 504 -9.46 1.71 -45.78
C ILE A 504 -8.28 0.98 -46.42
N VAL A 505 -7.58 0.19 -45.63
CA VAL A 505 -6.50 -0.63 -46.15
C VAL A 505 -6.81 -2.10 -45.89
N ASP A 506 -7.33 -2.79 -46.90
CA ASP A 506 -7.76 -4.18 -46.74
C ASP A 506 -6.62 -5.16 -46.44
N GLU A 507 -5.44 -4.82 -46.92
CA GLU A 507 -4.35 -5.78 -46.97
C GLU A 507 -3.52 -5.89 -45.70
N VAL A 508 -3.48 -4.81 -44.90
CA VAL A 508 -2.60 -4.70 -43.72
C VAL A 508 -2.48 -5.97 -42.89
N ASN A 509 -1.26 -6.36 -42.56
CA ASN A 509 -1.05 -7.51 -41.69
C ASN A 509 -0.56 -7.11 -40.31
N GLU A 510 -1.29 -7.53 -39.28
CA GLU A 510 -1.05 -7.03 -37.93
C GLU A 510 0.26 -7.52 -37.30
N GLN A 511 0.82 -8.60 -37.82
CA GLN A 511 2.00 -9.17 -37.19
C GLN A 511 3.24 -8.31 -37.47
N ASP A 512 3.27 -7.66 -38.63
CA ASP A 512 4.35 -6.72 -38.90
C ASP A 512 3.80 -5.62 -39.79
N PRO A 513 2.96 -4.74 -39.21
CA PRO A 513 2.22 -3.77 -40.01
C PRO A 513 3.10 -2.88 -40.89
N ASN A 514 2.50 -2.49 -41.99
CA ASN A 514 3.09 -1.66 -43.01
C ASN A 514 2.33 -0.33 -43.12
N ASP A 515 1.27 -0.18 -42.33
CA ASP A 515 0.46 1.02 -42.45
C ASP A 515 -0.25 1.32 -41.15
N ILE A 516 -0.41 2.59 -40.85
CA ILE A 516 -1.08 2.98 -39.62
C ILE A 516 -2.48 2.43 -39.55
N ALA A 517 -3.05 1.99 -40.66
CA ALA A 517 -4.39 1.39 -40.62
C ALA A 517 -4.45 0.19 -39.68
N TYR A 518 -3.31 -0.39 -39.32
CA TYR A 518 -3.26 -1.51 -38.39
C TYR A 518 -3.89 -1.17 -37.03
N VAL A 519 -3.84 0.09 -36.62
CA VAL A 519 -4.37 0.45 -35.30
C VAL A 519 -5.89 0.21 -35.18
N TYR A 520 -6.60 0.14 -36.30
CA TYR A 520 -8.02 -0.24 -36.32
C TYR A 520 -8.33 -1.46 -37.22
N SER A 521 -7.32 -2.31 -37.46
CA SER A 521 -7.47 -3.49 -38.33
C SER A 521 -8.01 -3.22 -39.72
N GLY A 522 -7.46 -2.24 -40.42
CA GLY A 522 -7.91 -1.96 -41.77
C GLY A 522 -8.37 -0.52 -41.97
N TYR A 523 -8.59 0.20 -40.86
CA TYR A 523 -9.00 1.60 -40.91
C TYR A 523 -7.88 2.57 -40.49
N ALA A 524 -7.63 3.61 -41.29
CA ALA A 524 -6.58 4.59 -40.98
C ALA A 524 -7.19 5.87 -40.44
N PRO A 525 -6.81 6.27 -39.22
CA PRO A 525 -7.34 7.54 -38.69
C PRO A 525 -7.08 8.72 -39.65
N LEU A 526 -8.15 9.45 -40.03
CA LEU A 526 -8.05 10.63 -40.89
C LEU A 526 -7.06 11.66 -40.38
N SER A 527 -7.05 11.89 -39.07
CA SER A 527 -6.20 12.90 -38.44
C SER A 527 -4.74 12.67 -38.76
N ILE A 528 -4.38 11.39 -38.80
CA ILE A 528 -3.01 11.01 -38.94
C ILE A 528 -2.68 10.92 -40.42
N ARG A 529 -3.67 10.57 -41.24
CA ARG A 529 -3.52 10.71 -42.70
C ARG A 529 -3.21 12.18 -43.06
N LEU A 530 -3.84 13.12 -42.37
CA LEU A 530 -3.54 14.54 -42.54
C LEU A 530 -2.09 14.86 -42.13
N VAL A 531 -1.64 14.30 -41.00
CA VAL A 531 -0.24 14.44 -40.62
C VAL A 531 0.68 13.86 -41.71
N GLN A 532 0.24 12.76 -42.33
CA GLN A 532 1.01 12.12 -43.40
C GLN A 532 1.05 12.96 -44.68
N CYS A 533 -0.02 13.69 -44.97
CA CYS A 533 -0.01 14.63 -46.09
C CYS A 533 1.12 15.64 -45.97
N VAL A 534 1.64 15.81 -44.76
CA VAL A 534 2.70 16.77 -44.52
C VAL A 534 4.06 16.10 -44.41
N LEU A 535 4.08 14.95 -43.75
CA LEU A 535 5.31 14.31 -43.29
C LEU A 535 5.81 13.13 -44.11
N GLN A 536 4.89 12.50 -44.87
CA GLN A 536 5.18 11.27 -45.61
C GLN A 536 4.43 11.30 -46.93
N LYS A 537 4.58 12.40 -47.67
CA LYS A 537 3.86 12.57 -48.92
C LYS A 537 4.26 11.54 -49.96
N GLN A 538 5.56 11.23 -50.02
CA GLN A 538 6.09 10.20 -50.91
C GLN A 538 5.26 8.96 -50.70
N TYR A 539 5.20 8.49 -49.45
CA TYR A 539 4.44 7.29 -49.11
C TYR A 539 2.96 7.39 -49.43
N LEU A 540 2.36 8.52 -49.05
CA LEU A 540 0.94 8.71 -49.24
C LEU A 540 0.57 8.77 -50.71
N LEU A 541 1.36 9.48 -51.50
CA LEU A 541 1.20 9.48 -52.96
C LEU A 541 1.35 8.07 -53.51
N SER A 542 2.31 7.34 -52.95
CA SER A 542 2.58 5.97 -53.38
C SER A 542 1.38 5.02 -53.27
N ILE A 543 0.54 5.24 -52.27
CA ILE A 543 -0.60 4.37 -52.03
C ILE A 543 -1.93 4.95 -52.47
N THR A 544 -1.91 6.09 -53.16
CA THR A 544 -3.16 6.71 -53.62
C THR A 544 -3.12 7.08 -55.10
N LYS A 545 -2.05 7.73 -55.50
CA LYS A 545 -1.91 8.20 -56.88
C LYS A 545 -0.89 7.39 -57.70
N GLY A 546 0.29 7.13 -57.12
CA GLY A 546 1.40 6.52 -57.82
C GLY A 546 2.54 7.53 -57.95
N SER A 547 3.73 7.06 -58.33
CA SER A 547 4.90 7.93 -58.59
C SER A 547 5.36 8.75 -57.38
N GLY A 548 5.17 8.22 -56.18
CA GLY A 548 5.60 8.88 -54.96
C GLY A 548 7.10 8.79 -54.75
N GLY A 558 11.66 15.18 -54.50
CA GLY A 558 10.59 15.99 -55.06
C GLY A 558 9.45 16.05 -54.07
N GLY A 559 8.87 14.89 -53.79
CA GLY A 559 7.89 14.75 -52.72
C GLY A 559 8.51 14.77 -51.32
N GLY A 560 9.70 15.36 -51.20
CA GLY A 560 10.35 15.54 -49.92
C GLY A 560 10.45 17.01 -49.48
N ALA A 561 9.74 17.90 -50.20
CA ALA A 561 9.56 19.33 -49.84
C ALA A 561 8.39 19.51 -48.82
N GLN A 562 8.00 20.75 -48.51
CA GLN A 562 7.13 20.93 -47.32
C GLN A 562 5.68 21.47 -47.48
N GLY A 563 5.07 21.80 -46.35
CA GLY A 563 3.68 22.22 -46.30
C GLY A 563 2.66 21.15 -46.68
N TRP A 564 1.52 21.59 -47.21
CA TRP A 564 0.47 20.72 -47.73
C TRP A 564 0.60 20.46 -49.22
N LYS A 565 1.78 20.67 -49.80
CA LYS A 565 1.96 20.57 -51.27
C LYS A 565 1.58 19.20 -51.79
N GLY A 566 0.64 19.17 -52.73
CA GLY A 566 0.19 17.92 -53.31
C GLY A 566 -1.11 17.42 -52.72
N PHE A 567 -1.61 18.12 -51.69
CA PHE A 567 -2.79 17.62 -51.01
C PHE A 567 -3.86 18.66 -50.71
N GLU A 568 -3.59 19.92 -51.03
CA GLU A 568 -4.50 21.04 -50.79
C GLU A 568 -5.95 20.88 -51.25
N GLU A 569 -6.17 20.35 -52.45
CA GLU A 569 -7.55 20.20 -52.94
C GLU A 569 -8.31 19.12 -52.18
N ILE A 570 -7.59 18.05 -51.80
CA ILE A 570 -8.16 16.96 -51.03
C ILE A 570 -8.47 17.44 -49.60
N VAL A 571 -7.48 18.07 -48.97
CA VAL A 571 -7.62 18.51 -47.59
C VAL A 571 -8.64 19.65 -47.45
N LYS A 572 -9.02 20.24 -48.57
CA LYS A 572 -10.13 21.18 -48.57
C LYS A 572 -11.44 20.50 -48.12
N HIS A 573 -11.55 19.19 -48.33
CA HIS A 573 -12.75 18.43 -47.96
C HIS A 573 -12.80 18.00 -46.48
N ALA A 574 -11.74 18.27 -45.72
CA ALA A 574 -11.85 18.14 -44.27
C ALA A 574 -12.25 19.49 -43.68
N ARG A 575 -13.00 19.43 -42.58
CA ARG A 575 -13.60 20.60 -41.94
C ARG A 575 -12.58 21.68 -41.60
N GLY A 576 -12.99 22.93 -41.73
CA GLY A 576 -12.18 24.04 -41.28
C GLY A 576 -11.04 24.40 -42.22
N PRO A 577 -10.28 25.45 -41.84
CA PRO A 577 -9.19 26.09 -42.56
C PRO A 577 -7.95 25.22 -42.65
N THR A 578 -7.35 25.15 -43.83
CA THR A 578 -6.03 24.58 -44.00
C THR A 578 -5.00 25.70 -43.89
N PHE A 579 -3.96 25.53 -43.08
CA PHE A 579 -2.97 26.58 -42.97
C PHE A 579 -1.52 26.10 -42.97
N ASP A 580 -0.64 27.05 -43.24
CA ASP A 580 0.78 26.78 -43.43
C ASP A 580 1.46 28.15 -43.33
N GLU A 581 2.11 28.43 -42.21
CA GLU A 581 2.65 29.76 -41.97
C GLU A 581 4.13 29.66 -41.71
N ILE A 582 4.93 30.37 -42.50
CA ILE A 582 6.37 30.38 -42.30
C ILE A 582 6.71 31.55 -41.37
N GLN A 583 7.54 31.32 -40.37
CA GLN A 583 7.97 32.43 -39.51
C GLN A 583 9.41 32.81 -39.82
N LYS A 584 9.64 34.10 -40.06
CA LYS A 584 10.98 34.61 -40.39
C LYS A 584 11.45 35.64 -39.37
N ASP A 602 22.86 17.36 -36.50
CA ASP A 602 21.95 16.34 -35.96
C ASP A 602 20.59 16.37 -36.66
N LYS A 603 19.59 15.69 -36.10
CA LYS A 603 18.26 15.63 -36.71
C LYS A 603 17.31 16.53 -35.96
N LYS A 604 16.17 16.83 -36.57
CA LYS A 604 15.22 17.81 -36.03
C LYS A 604 13.88 17.25 -35.53
N THR A 605 13.31 17.92 -34.54
CA THR A 605 12.05 17.51 -33.96
C THR A 605 10.86 18.17 -34.64
N VAL A 606 9.87 17.35 -35.01
CA VAL A 606 8.56 17.85 -35.41
C VAL A 606 7.59 17.68 -34.25
N PHE A 607 7.04 18.77 -33.74
CA PHE A 607 5.98 18.66 -32.75
C PHE A 607 4.62 18.42 -33.44
N VAL A 608 4.03 17.26 -33.21
CA VAL A 608 2.68 17.01 -33.73
C VAL A 608 1.68 17.25 -32.60
N VAL A 609 0.78 18.22 -32.79
CA VAL A 609 -0.09 18.74 -31.71
C VAL A 609 -1.58 18.49 -31.97
N PHE A 610 -2.31 18.06 -30.95
CA PHE A 610 -3.78 17.92 -31.07
C PHE A 610 -4.55 18.88 -30.16
N VAL A 611 -5.32 19.83 -30.71
CA VAL A 611 -6.20 20.63 -29.89
C VAL A 611 -7.50 19.92 -29.73
N GLY A 612 -7.84 19.59 -28.49
CA GLY A 612 -9.12 18.96 -28.23
C GLY A 612 -9.07 17.46 -28.01
N GLY A 613 -7.85 16.89 -27.97
CA GLY A 613 -7.66 15.51 -27.56
C GLY A 613 -7.12 14.51 -28.56
N ILE A 614 -6.24 13.64 -28.09
CA ILE A 614 -5.70 12.57 -28.92
C ILE A 614 -6.03 11.21 -28.30
N THR A 615 -6.21 10.19 -29.15
CA THR A 615 -6.40 8.83 -28.64
C THR A 615 -5.06 8.09 -28.56
N PHE A 616 -5.05 6.98 -27.83
CA PHE A 616 -3.89 6.09 -27.79
C PHE A 616 -3.56 5.48 -29.16
N THR A 617 -4.58 5.26 -29.99
CA THR A 617 -4.39 4.77 -31.35
C THR A 617 -3.67 5.76 -32.27
N GLU A 618 -3.98 7.05 -32.10
CA GLU A 618 -3.30 8.07 -32.88
C GLU A 618 -1.83 8.14 -32.41
N ILE A 619 -1.63 7.96 -31.11
CA ILE A 619 -0.29 7.93 -30.51
C ILE A 619 0.51 6.76 -31.08
N ALA A 620 -0.08 5.57 -31.05
CA ALA A 620 0.52 4.39 -31.67
C ALA A 620 0.84 4.62 -33.15
N ALA A 621 -0.09 5.21 -33.90
CA ALA A 621 0.15 5.47 -35.32
C ALA A 621 1.23 6.52 -35.50
N LEU A 622 1.30 7.49 -34.60
CA LEU A 622 2.34 8.52 -34.68
C LEU A 622 3.72 7.93 -34.37
N ARG A 623 3.79 6.97 -33.46
CA ARG A 623 5.04 6.30 -33.11
C ARG A 623 5.47 5.38 -34.25
N PHE A 624 4.49 4.80 -34.95
CA PHE A 624 4.77 3.96 -36.10
C PHE A 624 5.52 4.77 -37.12
N ILE A 625 4.97 5.94 -37.45
CA ILE A 625 5.56 6.91 -38.38
C ILE A 625 6.90 7.41 -37.85
N ALA A 626 6.96 7.64 -36.55
CA ALA A 626 8.20 8.07 -35.91
C ALA A 626 9.33 7.07 -36.13
N LYS A 627 9.00 5.79 -36.14
CA LYS A 627 10.02 4.77 -36.32
C LYS A 627 10.54 4.82 -37.75
N GLN A 628 9.63 4.92 -38.71
CA GLN A 628 10.02 5.06 -40.11
C GLN A 628 10.82 6.33 -40.43
N GLU A 629 10.54 7.41 -39.71
CA GLU A 629 11.16 8.70 -39.98
C GLU A 629 12.40 8.92 -39.11
N GLU A 630 12.83 7.85 -38.44
CA GLU A 630 13.84 7.89 -37.37
C GLU A 630 15.10 8.66 -37.68
N ALA A 631 15.58 8.50 -38.91
CA ALA A 631 16.88 9.01 -39.35
C ALA A 631 16.89 10.52 -39.40
N ARG A 632 15.85 11.03 -40.03
CA ARG A 632 15.68 12.43 -40.33
C ARG A 632 15.02 13.25 -39.20
N ARG A 633 14.00 12.68 -38.55
CA ARG A 633 13.18 13.40 -37.58
C ARG A 633 13.03 12.77 -36.21
N ASN A 634 12.71 13.59 -35.21
CA ASN A 634 12.15 13.09 -33.95
C ASN A 634 10.72 13.63 -33.79
N ILE A 635 9.79 12.75 -33.44
CA ILE A 635 8.42 13.17 -33.33
C ILE A 635 7.98 13.29 -31.89
N VAL A 636 7.55 14.50 -31.52
CA VAL A 636 7.02 14.74 -30.20
C VAL A 636 5.55 15.09 -30.30
N ILE A 637 4.74 14.30 -29.58
CA ILE A 637 3.29 14.43 -29.59
C ILE A 637 2.83 15.36 -28.49
N CYS A 638 2.02 16.35 -28.86
CA CYS A 638 1.49 17.29 -27.88
C CYS A 638 -0.02 17.29 -27.92
N THR A 639 -0.63 17.52 -26.76
CA THR A 639 -2.06 17.49 -26.69
C THR A 639 -2.64 18.19 -25.46
N THR A 640 -3.88 18.67 -25.62
CA THR A 640 -4.62 19.24 -24.50
C THR A 640 -5.00 18.13 -23.54
N SER A 641 -5.27 16.93 -24.05
CA SER A 641 -5.46 15.77 -23.18
C SER A 641 -5.49 14.51 -24.02
N ILE A 642 -5.47 13.36 -23.35
CA ILE A 642 -5.76 12.12 -24.00
C ILE A 642 -7.25 11.81 -23.89
N ILE A 643 -7.87 11.52 -25.03
CA ILE A 643 -9.32 11.38 -25.12
C ILE A 643 -9.72 10.02 -25.72
N ASN A 644 -10.97 9.61 -25.46
CA ASN A 644 -11.51 8.42 -26.11
C ASN A 644 -13.01 8.56 -26.27
N GLY A 645 -13.61 7.61 -26.98
CA GLY A 645 -15.04 7.63 -27.25
C GLY A 645 -15.89 7.75 -26.01
N ASN A 646 -15.55 7.04 -24.95
CA ASN A 646 -16.35 7.07 -23.73
C ASN A 646 -16.31 8.43 -23.06
N ARG A 647 -15.16 9.08 -23.12
CA ARG A 647 -15.00 10.39 -22.52
C ARG A 647 -15.86 11.45 -23.23
N MSE A 648 -16.00 11.32 -24.55
CA MSE A 648 -16.84 12.25 -25.30
C MSE A 648 -18.32 12.07 -24.99
O MSE A 648 -19.08 13.05 -24.86
CB MSE A 648 -16.61 12.12 -26.79
CG MSE A 648 -15.30 12.70 -27.29
SE MSE A 648 -14.94 12.21 -29.19
CE MSE A 648 -13.55 13.47 -29.57
N MSE A 649 -18.75 10.82 -24.90
CA MSE A 649 -20.13 10.56 -24.52
C MSE A 649 -20.40 11.09 -23.10
O MSE A 649 -21.44 11.69 -22.87
CB MSE A 649 -20.44 9.07 -24.64
CG MSE A 649 -20.22 8.51 -26.00
SE MSE A 649 -21.24 9.41 -27.39
CE MSE A 649 -19.85 10.56 -28.16
N ASN A 650 -19.46 10.93 -22.16
CA ASN A 650 -19.63 11.43 -20.80
C ASN A 650 -19.80 12.94 -20.74
N ALA A 651 -19.02 13.65 -21.55
CA ALA A 651 -19.19 15.10 -21.67
C ALA A 651 -20.63 15.45 -22.00
N ALA A 652 -21.25 14.66 -22.88
CA ALA A 652 -22.61 14.95 -23.29
C ALA A 652 -23.67 14.52 -22.27
N ILE A 653 -23.40 13.41 -21.59
CA ILE A 653 -24.31 12.83 -20.60
C ILE A 653 -24.39 13.70 -19.35
N GLU A 654 -23.21 14.00 -18.80
CA GLU A 654 -23.11 14.65 -17.51
C GLU A 654 -23.23 16.18 -17.43
N THR A 655 -23.20 16.87 -18.57
CA THR A 655 -23.20 18.34 -18.56
C THR A 655 -24.62 18.94 -18.56
N ALA A 656 -25.12 19.25 -17.37
CA ALA A 656 -26.49 19.75 -17.24
C ALA A 656 -26.55 21.21 -17.62
N ALA B 7 -11.36 -35.65 21.07
CA ALA B 7 -11.80 -34.26 21.10
C ALA B 7 -10.96 -33.42 22.06
N GLY B 8 -9.87 -32.86 21.55
CA GLY B 8 -8.98 -32.10 22.41
C GLY B 8 -8.81 -30.65 21.97
N PHE B 9 -7.91 -29.93 22.65
CA PHE B 9 -7.70 -28.52 22.36
C PHE B 9 -7.18 -28.28 20.95
N ASP B 10 -7.70 -27.23 20.32
CA ASP B 10 -7.16 -26.71 19.06
C ASP B 10 -7.25 -25.18 19.06
N ALA B 11 -6.14 -24.51 18.72
CA ALA B 11 -6.06 -23.06 18.74
C ALA B 11 -7.11 -22.40 17.85
N GLU B 12 -7.41 -23.08 16.75
CA GLU B 12 -8.31 -22.54 15.74
C GLU B 12 -9.71 -22.38 16.32
N GLN B 13 -10.00 -23.16 17.36
CA GLN B 13 -11.28 -23.09 18.05
C GLN B 13 -11.37 -21.89 18.97
N VAL B 14 -10.22 -21.39 19.45
CA VAL B 14 -10.18 -20.16 20.24
C VAL B 14 -10.41 -18.98 19.31
N ARG B 15 -9.77 -19.00 18.15
CA ARG B 15 -9.97 -17.97 17.13
C ARG B 15 -11.43 -17.89 16.70
N ASP B 16 -12.06 -19.05 16.49
CA ASP B 16 -13.46 -19.08 16.08
C ASP B 16 -14.39 -18.45 17.11
N LYS B 17 -14.21 -18.81 18.37
CA LYS B 17 -15.08 -18.31 19.42
C LYS B 17 -14.93 -16.81 19.61
N ALA B 18 -13.70 -16.32 19.46
CA ALA B 18 -13.40 -14.90 19.63
C ALA B 18 -14.10 -14.10 18.52
N ARG B 19 -13.90 -14.51 17.29
CA ARG B 19 -14.57 -13.89 16.15
C ARG B 19 -16.11 -13.97 16.29
N LYS B 20 -16.60 -15.15 16.64
CA LYS B 20 -18.03 -15.32 16.88
C LYS B 20 -18.56 -14.34 17.90
N ASP B 21 -17.86 -14.23 19.01
CA ASP B 21 -18.29 -13.35 20.08
C ASP B 21 -18.34 -11.88 19.69
N LEU B 22 -17.31 -11.42 18.98
CA LEU B 22 -17.25 -10.04 18.52
C LEU B 22 -18.39 -9.72 17.55
N LEU B 23 -18.56 -10.59 16.55
CA LEU B 23 -19.58 -10.41 15.51
C LEU B 23 -20.99 -10.41 16.09
N HIS B 24 -21.24 -11.28 17.06
CA HIS B 24 -22.52 -11.30 17.78
C HIS B 24 -22.80 -9.98 18.48
N LEU B 25 -21.76 -9.39 19.08
CA LEU B 25 -21.92 -8.09 19.74
C LEU B 25 -22.14 -6.94 18.75
N LEU B 26 -21.49 -7.01 17.59
CA LEU B 26 -21.71 -6.01 16.53
C LEU B 26 -23.07 -6.14 15.84
N GLU B 27 -23.60 -7.36 15.76
CA GLU B 27 -24.93 -7.50 15.17
C GLU B 27 -26.02 -7.08 16.13
N GLY B 28 -25.69 -6.98 17.41
CA GLY B 28 -26.65 -6.57 18.40
C GLY B 28 -26.81 -5.05 18.38
N VAL B 29 -25.83 -4.36 17.80
CA VAL B 29 -25.96 -2.94 17.55
C VAL B 29 -26.40 -2.76 16.10
N ARG B 30 -27.71 -2.54 15.91
CA ARG B 30 -28.29 -2.56 14.57
C ARG B 30 -28.00 -1.30 13.75
N GLY B 31 -27.68 -1.52 12.48
CA GLY B 31 -27.33 -0.46 11.57
C GLY B 31 -25.84 -0.44 11.35
N LYS B 32 -25.39 0.45 10.48
CA LYS B 32 -23.97 0.66 10.31
C LYS B 32 -23.44 1.39 11.56
N LYS B 33 -22.14 1.28 11.78
CA LYS B 33 -21.54 1.78 13.01
C LYS B 33 -20.10 2.21 12.75
N ASN B 34 -19.65 3.18 13.52
CA ASN B 34 -18.25 3.52 13.53
C ASN B 34 -17.61 2.80 14.71
N LEU B 35 -16.33 2.49 14.57
CA LEU B 35 -15.66 1.63 15.53
C LEU B 35 -14.43 2.32 16.10
N VAL B 36 -14.49 2.68 17.38
CA VAL B 36 -13.34 3.28 18.06
C VAL B 36 -12.65 2.24 18.96
N ILE B 37 -11.38 1.98 18.71
CA ILE B 37 -10.70 0.89 19.40
C ILE B 37 -9.42 1.37 20.08
N GLU B 38 -9.21 0.88 21.31
CA GLU B 38 -7.93 1.01 21.99
C GLU B 38 -6.83 0.61 21.02
N LYS B 39 -5.86 1.49 20.81
CA LYS B 39 -4.82 1.27 19.80
C LYS B 39 -4.07 -0.04 20.02
N ASP B 40 -3.71 -0.32 21.27
CA ASP B 40 -2.96 -1.52 21.61
C ASP B 40 -3.79 -2.82 21.43
N LEU B 41 -5.11 -2.70 21.46
CA LEU B 41 -6.02 -3.82 21.29
C LEU B 41 -6.25 -4.14 19.81
N ALA B 42 -5.97 -3.17 18.94
CA ALA B 42 -6.29 -3.25 17.52
C ALA B 42 -5.55 -4.38 16.79
N GLY B 43 -4.26 -4.54 17.09
CA GLY B 43 -3.45 -5.59 16.51
C GLY B 43 -3.95 -6.97 16.86
N PRO B 44 -4.01 -7.30 18.17
CA PRO B 44 -4.54 -8.62 18.54
C PRO B 44 -5.95 -8.90 18.00
N LEU B 45 -6.80 -7.88 17.83
CA LEU B 45 -8.10 -8.10 17.22
C LEU B 45 -7.91 -8.60 15.79
N GLY B 46 -6.87 -8.09 15.14
CA GLY B 46 -6.54 -8.45 13.77
C GLY B 46 -6.12 -9.88 13.62
N VAL B 47 -5.82 -10.52 14.74
CA VAL B 47 -5.45 -11.93 14.80
C VAL B 47 -6.68 -12.82 14.71
N ILE B 48 -7.83 -12.30 15.09
CA ILE B 48 -9.04 -13.10 15.15
C ILE B 48 -10.11 -12.67 14.15
N VAL B 49 -9.98 -11.48 13.58
CA VAL B 49 -10.96 -11.01 12.61
C VAL B 49 -10.30 -10.19 11.51
N LYS B 50 -10.83 -10.31 10.29
CA LYS B 50 -10.29 -9.57 9.16
C LYS B 50 -10.99 -8.22 9.06
N ALA B 51 -10.24 -7.18 8.72
CA ALA B 51 -10.80 -5.85 8.53
C ALA B 51 -11.99 -5.89 7.59
N SER B 52 -11.87 -6.69 6.54
CA SER B 52 -12.93 -6.82 5.54
C SER B 52 -14.23 -7.36 6.11
N THR B 53 -14.12 -8.33 7.01
CA THR B 53 -15.28 -8.96 7.64
C THR B 53 -16.07 -7.96 8.48
N LEU B 54 -15.36 -7.07 9.17
CA LEU B 54 -16.02 -6.10 10.04
C LEU B 54 -16.85 -5.11 9.25
N ARG B 55 -16.34 -4.70 8.09
CA ARG B 55 -17.07 -3.83 7.17
C ARG B 55 -18.40 -4.46 6.75
N ASP B 56 -18.36 -5.77 6.47
CA ASP B 56 -19.56 -6.52 6.12
C ASP B 56 -20.64 -6.51 7.20
N TYR B 57 -20.23 -6.26 8.44
CA TYR B 57 -21.16 -6.23 9.57
C TYR B 57 -21.48 -4.80 9.94
N GLY B 58 -21.19 -3.89 9.01
CA GLY B 58 -21.65 -2.51 9.13
C GLY B 58 -20.63 -1.53 9.68
N VAL B 59 -19.35 -1.88 9.64
CA VAL B 59 -18.34 -0.96 10.14
C VAL B 59 -17.93 -0.02 9.03
N ASP B 60 -18.37 1.22 9.15
CA ASP B 60 -18.03 2.24 8.17
C ASP B 60 -16.58 2.67 8.33
N ASN B 61 -16.26 3.27 9.46
CA ASN B 61 -14.88 3.69 9.70
C ASN B 61 -14.29 3.08 10.96
N PHE B 62 -12.96 3.05 11.01
CA PHE B 62 -12.23 2.56 12.18
C PHE B 62 -11.47 3.73 12.81
N PHE B 63 -11.55 3.86 14.12
CA PHE B 63 -10.79 4.91 14.81
C PHE B 63 -10.03 4.38 16.03
N PHE B 64 -8.82 4.89 16.22
CA PHE B 64 -8.06 4.65 17.43
C PHE B 64 -8.47 5.62 18.52
N LEU B 65 -8.75 5.07 19.70
CA LEU B 65 -9.21 5.82 20.87
C LEU B 65 -8.31 7.00 21.23
N GLU B 66 -7.02 6.81 21.00
CA GLU B 66 -5.98 7.72 21.48
C GLU B 66 -5.65 8.82 20.47
N ASN B 67 -6.10 8.62 19.23
CA ASN B 67 -5.96 9.64 18.20
C ASN B 67 -6.96 10.78 18.43
N LYS B 68 -8.03 10.47 19.15
CA LYS B 68 -9.07 11.44 19.52
C LYS B 68 -9.60 12.23 18.32
N ASN B 69 -10.13 11.50 17.34
CA ASN B 69 -10.63 12.14 16.12
C ASN B 69 -11.71 11.29 15.46
N THR B 70 -12.53 10.71 16.32
CA THR B 70 -13.67 9.89 15.95
C THR B 70 -14.65 10.62 15.02
N GLY B 71 -15.09 9.93 13.97
CA GLY B 71 -15.96 10.53 12.98
C GLY B 71 -17.44 10.65 13.37
N THR B 72 -18.19 11.28 12.48
CA THR B 72 -19.56 11.71 12.71
C THR B 72 -20.53 10.96 11.79
N SER B 73 -19.97 10.41 10.72
CA SER B 73 -20.72 9.79 9.63
C SER B 73 -21.79 8.78 10.02
N GLN B 74 -21.73 8.26 11.24
CA GLN B 74 -22.67 7.23 11.66
C GLN B 74 -23.19 7.54 13.04
N ARG B 75 -24.47 7.30 13.28
CA ARG B 75 -25.05 7.63 14.57
C ARG B 75 -24.56 6.65 15.63
N ASN B 76 -24.23 5.43 15.21
CA ASN B 76 -23.66 4.44 16.10
C ASN B 76 -22.15 4.57 16.22
N ILE B 77 -21.69 4.77 17.44
CA ILE B 77 -20.27 4.74 17.73
C ILE B 77 -20.02 3.60 18.72
N VAL B 78 -19.05 2.76 18.41
CA VAL B 78 -18.74 1.62 19.26
C VAL B 78 -17.30 1.66 19.75
N PHE B 79 -17.15 1.74 21.07
CA PHE B 79 -15.85 1.69 21.72
C PHE B 79 -15.48 0.25 22.12
N ILE B 80 -14.29 -0.18 21.71
CA ILE B 80 -13.77 -1.48 22.11
C ILE B 80 -12.45 -1.29 22.86
N ALA B 81 -12.42 -1.71 24.13
CA ALA B 81 -11.24 -1.51 24.97
C ALA B 81 -11.19 -2.44 26.17
N ARG B 82 -10.00 -2.56 26.74
CA ARG B 82 -9.76 -3.36 27.94
C ARG B 82 -10.37 -2.68 29.16
N GLY B 83 -11.14 -3.44 29.93
CA GLY B 83 -11.89 -2.88 31.02
C GLY B 83 -11.15 -2.58 32.31
N GLU B 84 -9.96 -3.16 32.46
CA GLU B 84 -9.15 -2.98 33.65
C GLU B 84 -8.39 -1.67 33.59
N SER B 85 -8.36 -1.05 32.43
CA SER B 85 -7.54 0.13 32.24
C SER B 85 -8.23 1.39 32.75
N VAL B 86 -7.64 2.02 33.77
CA VAL B 86 -8.13 3.29 34.28
C VAL B 86 -8.04 4.36 33.18
N ARG B 87 -6.97 4.29 32.41
CA ARG B 87 -6.73 5.20 31.31
C ARG B 87 -7.84 5.14 30.24
N ASN B 88 -8.25 3.92 29.88
CA ASN B 88 -9.29 3.72 28.89
C ASN B 88 -10.64 4.31 29.32
N ALA B 89 -10.91 4.33 30.62
CA ALA B 89 -12.17 4.81 31.14
C ALA B 89 -12.28 6.33 30.97
N HIS B 90 -11.20 7.04 31.28
CA HIS B 90 -11.15 8.48 31.11
C HIS B 90 -11.25 8.81 29.64
N ALA B 91 -10.41 8.19 28.83
CA ALA B 91 -10.40 8.40 27.38
C ALA B 91 -11.78 8.25 26.75
N ILE B 92 -12.48 7.17 27.08
CA ILE B 92 -13.79 6.90 26.49
C ILE B 92 -14.85 7.91 26.96
N ALA B 93 -14.89 8.16 28.27
CA ALA B 93 -15.80 9.16 28.81
C ALA B 93 -15.52 10.54 28.21
N ALA B 94 -14.24 10.89 28.11
CA ALA B 94 -13.85 12.17 27.53
C ALA B 94 -14.30 12.23 26.07
N GLN B 95 -14.18 11.11 25.37
CA GLN B 95 -14.50 11.05 23.97
C GLN B 95 -16.02 11.15 23.70
N ILE B 96 -16.82 10.51 24.54
CA ILE B 96 -18.27 10.61 24.42
C ILE B 96 -18.76 12.05 24.66
N LYS B 97 -18.23 12.66 25.73
CA LYS B 97 -18.56 14.04 26.06
C LYS B 97 -18.20 14.99 24.92
N ARG B 98 -17.05 14.75 24.29
CA ARG B 98 -16.61 15.60 23.20
C ARG B 98 -17.44 15.41 21.93
N ILE B 99 -17.92 14.20 21.70
CA ILE B 99 -18.74 13.91 20.53
C ILE B 99 -20.16 14.48 20.73
N GLN B 100 -20.73 14.25 21.91
CA GLN B 100 -22.09 14.71 22.25
C GLN B 100 -22.24 16.21 22.04
N ARG B 101 -21.16 16.94 22.27
CA ARG B 101 -21.16 18.39 22.10
C ARG B 101 -20.47 18.82 20.81
N GLU B 102 -20.57 17.99 19.77
CA GLU B 102 -20.07 18.39 18.46
C GLU B 102 -21.09 18.01 17.38
N SER B 103 -22.23 17.51 17.85
CA SER B 103 -23.58 17.58 17.26
C SER B 103 -23.80 17.98 15.76
N GLN B 104 -24.91 17.53 15.17
CA GLN B 104 -25.86 16.67 15.87
C GLN B 104 -25.48 15.26 15.55
N THR B 105 -24.41 15.17 14.77
CA THR B 105 -23.51 14.03 14.68
C THR B 105 -24.05 12.68 15.13
N SER B 106 -23.31 12.09 16.05
CA SER B 106 -23.50 10.71 16.44
C SER B 106 -23.83 10.54 17.91
N HIS B 107 -25.09 10.21 18.20
CA HIS B 107 -25.55 10.17 19.58
C HIS B 107 -26.09 8.82 20.03
N ASP B 108 -25.43 7.74 19.61
CA ASP B 108 -25.77 6.40 20.10
C ASP B 108 -24.49 5.59 20.42
N PHE B 109 -24.08 5.65 21.69
CA PHE B 109 -22.79 5.11 22.09
C PHE B 109 -22.85 3.69 22.65
N HIS B 110 -21.86 2.88 22.25
CA HIS B 110 -21.72 1.53 22.76
C HIS B 110 -20.29 1.29 23.24
N ILE B 111 -20.16 0.58 24.35
CA ILE B 111 -18.86 0.15 24.84
C ILE B 111 -18.80 -1.36 24.96
N PHE B 112 -17.79 -1.98 24.36
CA PHE B 112 -17.48 -3.38 24.61
C PHE B 112 -16.21 -3.47 25.45
N TRP B 113 -16.34 -3.76 26.74
CA TRP B 113 -15.14 -3.96 27.56
C TRP B 113 -14.52 -5.38 27.37
N VAL B 114 -13.20 -5.45 27.28
CA VAL B 114 -12.53 -6.72 27.06
C VAL B 114 -11.60 -7.08 28.23
N PRO B 115 -11.81 -8.25 28.86
CA PRO B 115 -12.91 -9.19 28.68
C PRO B 115 -13.99 -8.96 29.72
N ARG B 116 -13.72 -8.11 30.71
CA ARG B 116 -14.63 -7.93 31.83
C ARG B 116 -14.86 -6.45 32.20
N ARG B 117 -16.11 -6.12 32.50
CA ARG B 117 -16.48 -4.81 33.05
C ARG B 117 -16.07 -4.65 34.52
N THR B 118 -15.39 -3.56 34.85
CA THR B 118 -15.07 -3.29 36.24
C THR B 118 -15.98 -2.24 36.85
N LEU B 119 -15.97 -2.18 38.18
CA LEU B 119 -16.81 -1.27 38.94
C LEU B 119 -16.20 0.12 38.82
N PHE B 120 -14.88 0.18 38.82
CA PHE B 120 -14.15 1.42 38.62
C PHE B 120 -14.54 2.14 37.33
N SER B 121 -14.67 1.37 36.25
CA SER B 121 -15.11 1.93 34.97
C SER B 121 -16.46 2.62 35.07
N ASP B 122 -17.44 1.89 35.60
CA ASP B 122 -18.77 2.45 35.81
C ASP B 122 -18.72 3.74 36.60
N LYS B 123 -17.80 3.84 37.55
CA LYS B 123 -17.71 5.03 38.39
C LYS B 123 -17.11 6.21 37.64
N VAL B 124 -16.15 5.93 36.75
CA VAL B 124 -15.53 7.01 35.97
C VAL B 124 -16.56 7.55 34.98
N LEU B 125 -17.33 6.64 34.38
CA LEU B 125 -18.40 6.98 33.44
C LEU B 125 -19.56 7.71 34.12
N GLU B 126 -19.93 7.26 35.31
CA GLU B 126 -21.03 7.86 36.06
C GLU B 126 -20.64 9.26 36.50
N GLU B 127 -19.38 9.41 36.89
CA GLU B 127 -18.87 10.70 37.36
C GLU B 127 -18.75 11.72 36.22
N ALA B 128 -18.70 11.22 34.98
CA ALA B 128 -18.66 12.10 33.82
C ALA B 128 -20.07 12.40 33.30
N GLY B 129 -21.05 11.67 33.81
CA GLY B 129 -22.44 11.90 33.43
C GLY B 129 -22.90 11.07 32.25
N VAL B 130 -21.93 10.53 31.51
CA VAL B 130 -22.24 9.82 30.26
C VAL B 130 -22.61 8.34 30.42
N LEU B 131 -22.75 7.89 31.66
CA LEU B 131 -22.97 6.46 31.94
C LEU B 131 -24.32 5.98 31.43
N GLY B 132 -25.32 6.84 31.49
CA GLY B 132 -26.63 6.48 30.98
C GLY B 132 -26.75 6.83 29.50
N ASP B 133 -25.62 6.86 28.82
CA ASP B 133 -25.61 7.17 27.39
C ASP B 133 -25.00 6.04 26.59
N ALA B 134 -24.16 5.24 27.26
CA ALA B 134 -23.48 4.13 26.62
C ALA B 134 -24.17 2.81 26.94
N ASN B 135 -24.47 2.03 25.90
CA ASN B 135 -24.86 0.64 26.08
C ASN B 135 -23.63 -0.25 26.27
N ILE B 136 -23.46 -0.77 27.48
CA ILE B 136 -22.22 -1.42 27.89
C ILE B 136 -22.30 -2.95 27.84
N SER B 137 -21.43 -3.56 27.03
CA SER B 137 -21.34 -5.01 26.94
C SER B 137 -19.98 -5.51 27.42
N GLU B 138 -19.82 -6.82 27.44
CA GLU B 138 -18.54 -7.44 27.75
C GLU B 138 -18.11 -8.40 26.65
N LEU B 139 -16.92 -8.17 26.09
CA LEU B 139 -16.39 -9.02 25.04
C LEU B 139 -15.36 -9.96 25.64
N PRO B 140 -15.74 -11.23 25.86
CA PRO B 140 -14.87 -12.23 26.52
C PRO B 140 -13.73 -12.73 25.65
N LEU B 141 -12.84 -11.82 25.26
CA LEU B 141 -11.59 -12.18 24.61
C LEU B 141 -10.52 -12.39 25.68
N TYR B 142 -9.91 -13.57 25.68
CA TYR B 142 -8.79 -13.82 26.56
C TYR B 142 -7.54 -14.13 25.75
N PHE B 143 -7.34 -15.39 25.39
CA PHE B 143 -6.21 -15.78 24.58
C PHE B 143 -6.39 -15.40 23.12
N PHE B 144 -5.38 -14.77 22.54
CA PHE B 144 -5.31 -14.60 21.10
C PHE B 144 -4.31 -15.64 20.60
N PRO B 145 -4.76 -16.51 19.68
CA PRO B 145 -3.82 -17.51 19.17
C PRO B 145 -2.84 -16.94 18.13
N LEU B 146 -1.63 -16.61 18.57
CA LEU B 146 -0.62 -16.06 17.67
C LEU B 146 -0.09 -17.12 16.72
N GLU B 147 -0.06 -18.36 17.23
CA GLU B 147 0.21 -19.55 16.42
C GLU B 147 -0.63 -20.68 16.95
N ARG B 148 -0.55 -21.80 16.25
CA ARG B 148 -1.27 -22.98 16.65
C ARG B 148 -0.78 -23.49 17.99
N ASP B 149 0.47 -23.14 18.32
CA ASP B 149 1.10 -23.60 19.57
C ASP B 149 1.36 -22.44 20.55
N VAL B 150 0.88 -21.24 20.24
CA VAL B 150 1.12 -20.08 21.11
C VAL B 150 -0.15 -19.27 21.39
N LEU B 151 -0.62 -19.31 22.63
CA LEU B 151 -1.77 -18.54 23.07
C LEU B 151 -1.29 -17.39 23.95
N SER B 152 -1.75 -16.16 23.64
CA SER B 152 -1.34 -14.99 24.42
C SER B 152 -2.48 -14.06 24.82
N LEU B 153 -2.46 -13.60 26.06
CA LEU B 153 -3.47 -12.62 26.49
C LEU B 153 -3.20 -11.27 25.83
N GLU B 154 -1.97 -11.09 25.32
CA GLU B 154 -1.54 -9.82 24.71
C GLU B 154 -1.70 -8.61 25.65
N LEU B 155 -1.40 -8.84 26.92
CA LEU B 155 -1.43 -7.80 27.91
C LEU B 155 -0.03 -7.18 27.94
N ASN B 156 0.25 -6.28 27.00
CA ASN B 156 1.58 -5.72 26.84
C ASN B 156 2.08 -4.85 27.99
N ASP B 157 1.18 -4.45 28.89
CA ASP B 157 1.57 -3.68 30.08
C ASP B 157 1.56 -4.51 31.36
N SER B 158 1.37 -5.82 31.24
CA SER B 158 1.14 -6.68 32.40
C SER B 158 2.37 -6.85 33.28
N PHE B 159 3.54 -6.88 32.65
CA PHE B 159 4.80 -6.89 33.37
C PHE B 159 4.89 -5.71 34.33
N ARG B 160 4.67 -4.50 33.81
CA ARG B 160 4.61 -3.31 34.63
C ARG B 160 3.49 -3.34 35.65
N ASP B 161 2.24 -3.55 35.18
CA ASP B 161 1.06 -3.59 36.03
C ASP B 161 1.23 -4.52 37.22
N LEU B 162 1.68 -5.73 36.95
CA LEU B 162 1.82 -6.73 38.01
C LEU B 162 3.06 -6.52 38.91
N TYR B 163 4.25 -6.43 38.32
CA TYR B 163 5.50 -6.38 39.09
C TYR B 163 5.91 -5.02 39.67
N LEU B 164 5.52 -3.92 39.01
CA LEU B 164 5.83 -2.60 39.52
C LEU B 164 4.63 -2.02 40.30
N ALA B 165 3.47 -1.90 39.63
CA ALA B 165 2.30 -1.27 40.24
C ALA B 165 1.62 -2.23 41.19
N LYS B 166 2.00 -3.51 41.13
CA LYS B 166 1.37 -4.52 41.98
C LYS B 166 -0.16 -4.64 41.81
N ASP B 167 -0.64 -4.47 40.56
CA ASP B 167 -2.01 -4.76 40.16
C ASP B 167 -2.14 -6.27 39.90
N PRO B 168 -3.04 -6.94 40.63
CA PRO B 168 -3.22 -8.39 40.51
C PRO B 168 -3.96 -8.81 39.26
N THR B 169 -4.56 -7.84 38.55
CA THR B 169 -5.49 -8.14 37.45
C THR B 169 -5.00 -9.11 36.37
N PRO B 170 -3.73 -8.97 35.90
CA PRO B 170 -3.27 -9.93 34.89
C PRO B 170 -3.39 -11.37 35.38
N VAL B 171 -3.08 -11.59 36.67
CA VAL B 171 -3.14 -12.90 37.28
C VAL B 171 -4.56 -13.45 37.28
N PHE B 172 -5.48 -12.64 37.76
CA PHE B 172 -6.88 -12.97 37.67
C PHE B 172 -7.37 -13.25 36.25
N LEU B 173 -6.96 -12.44 35.27
CA LEU B 173 -7.44 -12.64 33.89
C LEU B 173 -6.88 -13.93 33.29
N LEU B 174 -5.62 -14.24 33.59
CA LEU B 174 -5.02 -15.48 33.12
C LEU B 174 -5.72 -16.70 33.71
N SER B 175 -6.05 -16.64 35.00
CA SER B 175 -6.67 -17.81 35.63
C SER B 175 -8.04 -18.10 35.03
N ARG B 176 -8.81 -17.05 34.75
CA ARG B 176 -10.09 -17.17 34.03
C ARG B 176 -9.92 -17.76 32.62
N ALA B 177 -8.93 -17.28 31.87
CA ALA B 177 -8.67 -17.81 30.54
C ALA B 177 -8.41 -19.31 30.68
N LEU B 178 -7.61 -19.68 31.66
CA LEU B 178 -7.31 -21.07 31.96
C LEU B 178 -8.54 -21.87 32.39
N MSE B 179 -9.40 -21.26 33.19
CA MSE B 179 -10.68 -21.89 33.52
C MSE B 179 -11.53 -22.13 32.27
O MSE B 179 -12.22 -23.13 32.17
CB MSE B 179 -11.46 -21.09 34.56
CG MSE B 179 -12.80 -21.74 34.92
SE MSE B 179 -12.66 -23.60 35.59
CE MSE B 179 -11.70 -23.24 37.23
N GLY B 180 -11.46 -21.21 31.31
CA GLY B 180 -12.17 -21.37 30.05
C GLY B 180 -11.82 -22.68 29.35
N ILE B 181 -10.55 -23.08 29.43
CA ILE B 181 -10.12 -24.28 28.75
C ILE B 181 -10.62 -25.55 29.48
N GLN B 182 -10.58 -25.50 30.80
CA GLN B 182 -11.08 -26.61 31.62
C GLN B 182 -12.56 -26.85 31.39
N LYS B 183 -13.31 -25.76 31.25
CA LYS B 183 -14.75 -25.84 31.05
C LYS B 183 -15.08 -26.60 29.78
N LYS B 184 -14.20 -26.52 28.80
CA LYS B 184 -14.46 -27.09 27.49
C LYS B 184 -13.82 -28.47 27.31
N HIS B 185 -12.78 -28.76 28.09
CA HIS B 185 -11.98 -29.97 27.89
C HIS B 185 -11.73 -30.75 29.19
N GLY B 186 -12.33 -30.31 30.29
CA GLY B 186 -12.19 -31.00 31.56
C GLY B 186 -11.16 -30.40 32.48
N LEU B 187 -11.17 -30.78 33.75
CA LEU B 187 -10.17 -30.31 34.70
C LEU B 187 -8.75 -30.71 34.29
N PHE B 188 -7.81 -29.80 34.52
CA PHE B 188 -6.40 -30.15 34.43
C PHE B 188 -6.15 -31.21 35.50
N PRO B 189 -5.72 -32.41 35.06
CA PRO B 189 -5.44 -33.52 35.98
C PRO B 189 -4.41 -33.05 36.99
N ARG B 190 -3.44 -32.30 36.49
CA ARG B 190 -2.38 -31.76 37.31
C ARG B 190 -2.19 -30.26 37.09
N ILE B 191 -2.00 -29.53 38.19
CA ILE B 191 -1.59 -28.13 38.10
C ILE B 191 -0.23 -27.99 38.80
N ILE B 192 0.82 -27.83 38.01
CA ILE B 192 2.19 -27.84 38.50
C ILE B 192 2.87 -26.49 38.23
N GLY B 193 3.64 -25.96 39.18
CA GLY B 193 4.37 -24.75 38.87
C GLY B 193 5.34 -24.16 39.86
N LYS B 194 5.96 -23.05 39.46
CA LYS B 194 7.02 -22.40 40.23
C LYS B 194 6.82 -20.88 40.33
N GLY B 195 6.77 -20.38 41.57
CA GLY B 195 6.75 -18.95 41.79
C GLY B 195 5.48 -18.46 42.47
N GLU B 196 5.62 -17.35 43.18
CA GLU B 196 4.54 -16.82 43.99
C GLU B 196 3.28 -16.55 43.15
N ASN B 197 3.47 -16.06 41.92
CA ASN B 197 2.34 -15.67 41.08
C ASN B 197 1.73 -16.85 40.34
N ALA B 198 2.58 -17.79 39.95
CA ALA B 198 2.11 -19.03 39.35
C ALA B 198 1.21 -19.77 40.35
N LYS B 199 1.63 -19.78 41.61
CA LYS B 199 0.86 -20.39 42.68
C LYS B 199 -0.53 -19.81 42.79
N ARG B 200 -0.66 -18.48 42.78
CA ARG B 200 -1.99 -17.87 42.82
C ARG B 200 -2.86 -18.22 41.61
N VAL B 201 -2.25 -18.47 40.45
CA VAL B 201 -3.05 -18.90 39.32
C VAL B 201 -3.66 -20.26 39.66
N ALA B 202 -2.87 -21.14 40.26
CA ALA B 202 -3.34 -22.45 40.67
C ALA B 202 -4.40 -22.32 41.75
N ASP B 203 -4.10 -21.56 42.79
CA ASP B 203 -5.07 -21.32 43.88
C ASP B 203 -6.40 -20.86 43.34
N LEU B 204 -6.38 -19.89 42.43
CA LEU B 204 -7.59 -19.34 41.84
C LEU B 204 -8.34 -20.36 40.99
N LEU B 205 -7.60 -21.23 40.30
CA LEU B 205 -8.21 -22.31 39.54
C LEU B 205 -8.92 -23.25 40.50
N SER B 206 -8.28 -23.54 41.63
CA SER B 206 -8.87 -24.40 42.63
C SER B 206 -10.17 -23.81 43.17
N ARG B 207 -10.10 -22.59 43.71
CA ARG B 207 -11.28 -21.97 44.29
C ARG B 207 -12.41 -21.74 43.28
N MSE B 208 -12.07 -21.61 42.01
CA MSE B 208 -13.13 -21.50 41.02
C MSE B 208 -13.86 -22.84 40.87
O MSE B 208 -15.08 -22.87 40.82
CB MSE B 208 -12.60 -21.00 39.67
CG MSE B 208 -12.23 -19.52 39.62
SE MSE B 208 -11.34 -19.00 37.94
CE MSE B 208 -12.94 -18.46 36.96
N ARG B 209 -13.09 -23.93 40.85
CA ARG B 209 -13.68 -25.26 40.76
C ARG B 209 -14.65 -25.51 41.91
N GLN B 210 -14.23 -25.26 43.14
CA GLN B 210 -15.16 -25.39 44.26
C GLN B 210 -16.38 -24.46 44.16
N GLU B 211 -16.26 -23.34 43.46
CA GLU B 211 -17.42 -22.47 43.28
C GLU B 211 -18.43 -23.16 42.38
N LEU B 212 -17.92 -23.78 41.32
CA LEU B 212 -18.74 -24.52 40.38
C LEU B 212 -19.60 -25.59 41.06
N LEU B 213 -19.02 -26.31 42.01
CA LEU B 213 -19.76 -27.30 42.79
C LEU B 213 -20.76 -26.62 43.71
N ALA B 214 -21.77 -25.98 43.11
CA ALA B 214 -22.83 -25.29 43.82
C ALA B 214 -23.90 -24.81 42.85
N GLY B 225 -21.79 -31.28 35.93
CA GLY B 225 -20.59 -31.56 36.71
C GLY B 225 -19.35 -31.39 35.86
N LEU B 226 -18.18 -31.37 36.49
CA LEU B 226 -16.91 -31.21 35.78
C LEU B 226 -15.88 -32.29 36.13
N SER B 227 -15.32 -32.94 35.11
CA SER B 227 -14.45 -34.09 35.35
C SER B 227 -13.05 -33.81 34.82
N PRO B 228 -12.04 -34.50 35.40
CA PRO B 228 -10.66 -34.53 34.91
C PRO B 228 -10.61 -34.74 33.41
N SER B 229 -9.66 -34.09 32.73
CA SER B 229 -9.54 -34.20 31.27
C SER B 229 -9.08 -35.58 30.83
N THR B 230 -9.53 -35.99 29.66
CA THR B 230 -9.00 -37.20 29.04
C THR B 230 -8.02 -36.80 27.94
N THR B 231 -8.06 -35.52 27.54
CA THR B 231 -7.26 -35.05 26.41
C THR B 231 -6.10 -34.15 26.85
N ILE B 232 -6.10 -33.73 28.10
CA ILE B 232 -5.03 -32.88 28.63
C ILE B 232 -4.22 -33.57 29.71
N GLU B 233 -2.92 -33.66 29.53
CA GLU B 233 -2.06 -34.24 30.56
C GLU B 233 -1.95 -33.35 31.81
N SER B 234 -1.45 -32.14 31.63
CA SER B 234 -1.37 -31.19 32.74
C SER B 234 -1.17 -29.76 32.28
N VAL B 235 -1.17 -28.87 33.27
CA VAL B 235 -0.73 -27.51 33.04
C VAL B 235 0.45 -27.22 33.95
N ILE B 236 1.50 -26.70 33.35
CA ILE B 236 2.68 -26.26 34.08
C ILE B 236 2.76 -24.74 34.03
N ILE B 237 2.83 -24.09 35.18
CA ILE B 237 2.83 -22.63 35.26
C ILE B 237 4.12 -22.02 35.83
N ILE B 238 4.85 -21.34 34.97
CA ILE B 238 6.09 -20.69 35.39
C ILE B 238 5.88 -19.18 35.57
N ASP B 239 6.37 -18.70 36.70
CA ASP B 239 6.32 -17.29 37.03
C ASP B 239 7.59 -16.59 36.52
N ARG B 240 7.41 -15.47 35.81
CA ARG B 240 8.50 -14.68 35.22
C ARG B 240 9.55 -14.19 36.25
N GLU B 241 9.09 -13.94 37.47
CA GLU B 241 9.92 -13.46 38.59
C GLU B 241 11.06 -14.39 38.95
N VAL B 242 10.89 -15.66 38.63
CA VAL B 242 11.84 -16.70 38.95
C VAL B 242 13.12 -16.61 38.13
N ASP B 243 13.02 -16.04 36.95
CA ASP B 243 14.10 -16.05 35.97
C ASP B 243 14.11 -14.77 35.14
N PHE B 244 14.60 -13.69 35.73
CA PHE B 244 14.74 -12.43 35.01
C PHE B 244 15.95 -12.49 34.08
N VAL B 245 16.85 -13.40 34.37
CA VAL B 245 18.11 -13.49 33.63
C VAL B 245 17.89 -13.78 32.14
N THR B 246 16.97 -14.69 31.83
CA THR B 246 16.66 -15.04 30.43
C THR B 246 16.26 -13.83 29.55
N PRO B 247 15.23 -13.05 29.94
CA PRO B 247 14.84 -11.91 29.10
C PRO B 247 15.92 -10.82 29.02
N LEU B 248 16.72 -10.67 30.08
CA LEU B 248 17.76 -9.65 30.09
C LEU B 248 18.83 -9.90 29.04
N LEU B 249 19.09 -11.15 28.76
CA LEU B 249 20.14 -11.49 27.81
C LEU B 249 19.72 -11.12 26.39
N THR B 250 20.70 -10.78 25.55
CA THR B 250 20.44 -10.62 24.13
C THR B 250 20.02 -11.96 23.53
N GLN B 251 18.80 -12.04 23.02
CA GLN B 251 18.30 -13.25 22.34
C GLN B 251 19.05 -13.49 21.04
N LEU B 252 19.38 -14.74 20.76
CA LEU B 252 20.24 -15.06 19.62
C LEU B 252 19.60 -15.98 18.60
N THR B 253 18.31 -16.25 18.74
CA THR B 253 17.55 -16.86 17.66
C THR B 253 17.16 -15.79 16.65
N TYR B 254 16.72 -16.21 15.48
CA TYR B 254 16.38 -15.30 14.41
C TYR B 254 15.21 -14.40 14.83
N GLU B 255 14.09 -15.00 15.19
CA GLU B 255 12.94 -14.25 15.68
C GLU B 255 13.32 -13.42 16.89
N GLY B 256 14.13 -14.02 17.77
CA GLY B 256 14.65 -13.35 18.95
C GLY B 256 15.41 -12.08 18.60
N LEU B 257 16.28 -12.16 17.60
CA LEU B 257 17.01 -10.97 17.15
C LEU B 257 16.13 -9.93 16.43
N ILE B 258 15.14 -10.37 15.65
CA ILE B 258 14.19 -9.46 15.01
C ILE B 258 13.43 -8.67 16.11
N ASP B 259 13.04 -9.39 17.17
CA ASP B 259 12.41 -8.77 18.32
C ASP B 259 13.36 -7.77 19.05
N GLU B 260 14.64 -8.11 19.17
CA GLU B 260 15.59 -7.23 19.86
C GLU B 260 15.76 -5.91 19.09
N TYR B 261 15.90 -6.01 17.77
CA TYR B 261 16.25 -4.87 16.95
C TYR B 261 15.09 -4.17 16.26
N PHE B 262 14.07 -4.91 15.88
CA PHE B 262 12.94 -4.31 15.17
C PHE B 262 11.72 -4.19 16.06
N GLY B 263 11.51 -5.18 16.92
CA GLY B 263 10.34 -5.22 17.77
C GLY B 263 9.18 -5.91 17.06
N ILE B 264 8.75 -7.03 17.61
CA ILE B 264 7.62 -7.78 17.06
C ILE B 264 6.37 -7.57 17.90
N GLN B 265 5.29 -7.21 17.23
CA GLN B 265 4.01 -6.99 17.89
C GLN B 265 2.90 -7.52 17.01
N ASN B 266 2.02 -8.31 17.60
CA ASN B 266 0.89 -8.91 16.86
C ASN B 266 1.31 -9.69 15.61
N ASN B 267 2.38 -10.48 15.72
CA ASN B 267 2.92 -11.22 14.58
C ASN B 267 3.44 -10.35 13.46
N GLN B 268 3.80 -9.10 13.79
CA GLN B 268 4.26 -8.12 12.79
C GLN B 268 5.39 -7.26 13.33
N THR B 269 6.13 -6.63 12.41
CA THR B 269 7.12 -5.62 12.73
C THR B 269 7.17 -4.58 11.60
N ASP B 270 7.74 -3.42 11.90
CA ASP B 270 7.93 -2.39 10.88
C ASP B 270 9.38 -2.40 10.48
N VAL B 271 9.62 -2.34 9.17
CA VAL B 271 10.98 -2.32 8.65
C VAL B 271 11.09 -1.24 7.59
N ASP B 272 12.28 -0.65 7.44
CA ASP B 272 12.49 0.34 6.37
C ASP B 272 12.06 -0.24 5.02
N ALA B 273 11.63 0.64 4.11
CA ALA B 273 11.00 0.20 2.87
C ALA B 273 11.99 -0.49 1.95
N VAL B 274 13.27 -0.18 2.13
CA VAL B 274 14.31 -0.77 1.31
C VAL B 274 14.40 -2.28 1.54
N ILE B 275 14.01 -2.72 2.74
CA ILE B 275 14.07 -4.14 3.06
C ILE B 275 13.11 -4.95 2.21
N VAL B 276 11.89 -4.45 2.02
CA VAL B 276 10.92 -5.12 1.17
C VAL B 276 11.15 -4.73 -0.29
N GLY B 277 11.93 -3.67 -0.48
CA GLY B 277 12.39 -3.24 -1.79
C GLY B 277 11.34 -2.78 -2.79
N ALA B 278 10.15 -2.45 -2.30
CA ALA B 278 9.07 -1.96 -3.14
C ALA B 278 8.77 -2.86 -4.36
N ARG B 298 8.10 6.00 5.78
CA ARG B 298 9.04 5.22 4.97
C ARG B 298 9.36 3.82 5.53
N LYS B 299 8.44 3.29 6.35
CA LYS B 299 8.63 1.97 6.92
C LYS B 299 7.44 1.13 6.45
N ARG B 300 7.64 -0.19 6.28
CA ARG B 300 6.56 -1.05 5.82
C ARG B 300 6.22 -2.07 6.92
N LYS B 301 5.01 -2.60 6.93
CA LYS B 301 4.64 -3.60 7.93
C LYS B 301 4.80 -4.97 7.32
N ILE B 302 5.50 -5.88 8.03
CA ILE B 302 5.64 -7.24 7.51
C ILE B 302 5.08 -8.28 8.49
N GLN B 303 4.45 -9.29 7.93
CA GLN B 303 3.84 -10.33 8.73
C GLN B 303 4.92 -11.31 9.14
N LEU B 304 4.87 -11.78 10.38
CA LEU B 304 5.86 -12.72 10.90
C LEU B 304 5.12 -13.83 11.64
N ASP B 305 4.74 -14.86 10.89
CA ASP B 305 4.09 -16.02 11.50
C ASP B 305 4.35 -17.29 10.72
N GLY B 306 3.73 -18.37 11.19
CA GLY B 306 3.95 -19.71 10.67
C GLY B 306 3.19 -20.01 9.40
N SER B 307 2.45 -19.03 8.88
CA SER B 307 1.75 -19.25 7.64
C SER B 307 2.75 -19.18 6.48
N ASP B 308 3.89 -18.53 6.70
CA ASP B 308 4.97 -18.54 5.73
C ASP B 308 5.92 -19.72 5.96
N SER B 309 6.08 -20.55 4.92
CA SER B 309 6.84 -21.79 5.04
C SER B 309 8.32 -21.59 5.41
N LEU B 310 8.93 -20.56 4.85
CA LEU B 310 10.33 -20.28 5.12
C LEU B 310 10.58 -19.77 6.53
N TYR B 311 9.79 -18.79 6.96
CA TYR B 311 9.91 -18.24 8.30
C TYR B 311 9.68 -19.29 9.39
N SER B 312 8.84 -20.29 9.11
CA SER B 312 8.65 -21.40 10.04
C SER B 312 9.96 -22.14 10.33
N GLN B 313 10.82 -22.24 9.33
CA GLN B 313 12.09 -22.92 9.47
C GLN B 313 13.18 -21.98 9.94
N LEU B 314 12.93 -20.68 9.87
CA LEU B 314 13.91 -19.66 10.24
C LEU B 314 13.78 -19.17 11.70
N ARG B 315 12.53 -18.95 12.12
CA ARG B 315 12.25 -18.23 13.35
C ARG B 315 12.96 -18.78 14.61
N ASP B 316 13.01 -20.11 14.76
CA ASP B 316 13.52 -20.72 16.00
C ASP B 316 14.98 -21.08 15.92
N ALA B 317 15.59 -20.86 14.76
CA ALA B 317 16.96 -21.23 14.51
C ALA B 317 17.92 -20.22 15.12
N ASN B 318 19.05 -20.71 15.64
CA ASN B 318 20.12 -19.83 16.05
C ASN B 318 20.59 -19.02 14.85
N PHE B 319 20.79 -17.71 15.06
CA PHE B 319 21.10 -16.78 13.97
C PHE B 319 22.36 -17.15 13.21
N ALA B 320 23.23 -17.93 13.86
CA ALA B 320 24.45 -18.37 13.23
C ALA B 320 24.20 -19.28 12.02
N ILE B 321 23.08 -20.00 12.01
CA ILE B 321 22.80 -20.92 10.91
C ILE B 321 21.79 -20.39 9.90
N VAL B 322 21.44 -19.11 10.03
CA VAL B 322 20.44 -18.51 9.16
C VAL B 322 20.91 -18.37 7.71
N GLY B 323 22.14 -17.92 7.50
CA GLY B 323 22.70 -17.82 6.16
C GLY B 323 22.65 -19.17 5.47
N SER B 324 22.96 -20.20 6.25
CA SER B 324 23.05 -21.56 5.73
C SER B 324 21.67 -22.09 5.36
N LEU B 325 20.67 -21.67 6.11
CA LEU B 325 19.29 -22.03 5.85
C LEU B 325 18.80 -21.34 4.56
N LEU B 326 19.17 -20.08 4.42
CA LEU B 326 18.79 -19.28 3.26
C LEU B 326 19.42 -19.79 1.98
N ASN B 327 20.72 -20.09 2.05
CA ASN B 327 21.44 -20.64 0.90
C ASN B 327 20.81 -21.93 0.38
N THR B 328 20.46 -22.82 1.29
CA THR B 328 19.78 -24.05 0.90
C THR B 328 18.46 -23.77 0.18
N VAL B 329 17.75 -22.72 0.60
CA VAL B 329 16.54 -22.31 -0.10
C VAL B 329 16.90 -21.68 -1.45
N ALA B 330 17.91 -20.82 -1.45
CA ALA B 330 18.34 -20.18 -2.67
C ALA B 330 18.77 -21.20 -3.73
N ARG B 331 19.55 -22.21 -3.31
CA ARG B 331 19.96 -23.29 -4.21
C ARG B 331 18.79 -24.05 -4.81
N ARG B 332 17.84 -24.44 -3.97
CA ARG B 332 16.68 -25.18 -4.45
C ARG B 332 15.82 -24.36 -5.41
N LEU B 333 15.77 -23.04 -5.17
CA LEU B 333 15.01 -22.16 -6.04
C LEU B 333 15.74 -21.91 -7.37
N LYS B 334 17.03 -21.57 -7.29
CA LYS B 334 17.87 -21.44 -8.49
C LYS B 334 17.84 -22.72 -9.34
N SER B 335 17.78 -23.85 -8.67
CA SER B 335 17.75 -25.12 -9.35
C SER B 335 16.39 -25.30 -10.08
N ASP B 336 15.31 -24.80 -9.51
CA ASP B 336 13.99 -24.85 -10.16
C ASP B 336 13.97 -24.00 -11.42
N TYR B 337 14.64 -22.86 -11.37
CA TYR B 337 14.74 -21.97 -12.51
C TYR B 337 15.44 -22.62 -13.71
N GLU B 338 16.61 -23.20 -13.46
CA GLU B 338 17.41 -23.79 -14.51
C GLU B 338 16.86 -25.14 -14.94
N SER B 339 16.03 -25.72 -14.09
CA SER B 339 15.39 -27.00 -14.39
C SER B 339 14.69 -26.91 -15.73
N ARG B 340 15.23 -27.54 -16.76
CA ARG B 340 14.65 -27.38 -18.09
C ARG B 340 13.30 -28.04 -18.21
N HIS B 341 12.36 -27.62 -17.36
CA HIS B 341 10.98 -28.06 -17.47
C HIS B 341 10.40 -27.54 -18.78
N ASN B 342 11.09 -27.89 -19.87
CA ASN B 342 10.86 -27.37 -21.19
C ASN B 342 9.61 -27.95 -21.83
N THR B 343 9.68 -28.08 -23.15
CA THR B 343 8.50 -28.38 -23.96
C THR B 343 7.40 -27.34 -23.66
N LYS B 344 7.75 -26.07 -23.78
CA LYS B 344 6.78 -24.98 -23.72
C LYS B 344 6.27 -24.69 -25.14
N THR B 345 5.89 -25.77 -25.83
CA THR B 345 5.58 -25.69 -27.25
C THR B 345 4.07 -25.68 -27.56
N THR B 346 3.23 -25.56 -26.53
CA THR B 346 1.79 -25.44 -26.73
C THR B 346 1.14 -24.36 -25.87
N ALA B 347 0.00 -24.69 -25.27
CA ALA B 347 -0.71 -23.81 -24.35
C ALA B 347 -0.28 -24.10 -22.92
N GLU B 348 0.75 -24.94 -22.77
CA GLU B 348 1.36 -25.23 -21.48
C GLU B 348 2.37 -24.13 -21.15
N LEU B 349 2.56 -23.23 -22.11
CA LEU B 349 3.25 -21.96 -21.92
C LEU B 349 2.47 -21.15 -20.88
N LYS B 350 1.16 -21.34 -20.86
CA LYS B 350 0.33 -20.69 -19.88
C LYS B 350 0.55 -21.26 -18.48
N GLU B 351 0.88 -22.55 -18.40
CA GLU B 351 1.18 -23.16 -17.11
C GLU B 351 2.46 -22.57 -16.54
N PHE B 352 3.44 -22.37 -17.42
CA PHE B 352 4.71 -21.79 -17.04
C PHE B 352 4.54 -20.39 -16.45
N VAL B 353 3.67 -19.57 -17.04
CA VAL B 353 3.53 -18.21 -16.56
C VAL B 353 2.73 -18.13 -15.26
N LYS B 354 1.83 -19.08 -15.04
CA LYS B 354 1.08 -19.12 -13.80
C LYS B 354 2.00 -19.55 -12.66
N LYS B 355 2.87 -20.49 -12.98
CA LYS B 355 3.79 -21.04 -12.02
C LYS B 355 4.90 -20.04 -11.67
N LEU B 356 5.09 -19.04 -12.54
CA LEU B 356 5.98 -17.92 -12.27
C LEU B 356 5.54 -17.30 -10.94
N PRO B 357 6.43 -17.32 -9.94
CA PRO B 357 6.13 -16.80 -8.59
C PRO B 357 5.91 -15.28 -8.49
N GLY B 358 6.70 -14.48 -9.21
CA GLY B 358 6.56 -13.04 -9.12
C GLY B 358 6.88 -12.56 -7.71
N TYR B 359 6.05 -11.65 -7.19
CA TYR B 359 6.25 -11.14 -5.82
C TYR B 359 5.59 -11.97 -4.72
N GLN B 360 5.63 -13.28 -4.83
CA GLN B 360 5.08 -14.10 -3.75
C GLN B 360 5.83 -15.41 -3.58
N ALA B 361 5.16 -16.36 -2.91
CA ALA B 361 5.72 -17.68 -2.61
C ALA B 361 7.03 -17.57 -1.86
N GLU B 362 7.88 -18.58 -2.04
CA GLU B 362 9.20 -18.56 -1.42
C GLU B 362 10.13 -17.46 -1.93
N GLN B 363 10.09 -17.13 -3.22
CA GLN B 363 10.99 -16.08 -3.72
C GLN B 363 10.91 -14.80 -2.90
N GLN B 364 9.69 -14.37 -2.60
CA GLN B 364 9.49 -13.13 -1.85
C GLN B 364 9.98 -13.27 -0.41
N SER B 365 9.67 -14.41 0.21
CA SER B 365 10.13 -14.70 1.56
C SER B 365 11.66 -14.70 1.63
N LEU B 366 12.28 -15.36 0.66
CA LEU B 366 13.73 -15.39 0.56
C LEU B 366 14.35 -14.01 0.42
N LYS B 367 13.78 -13.19 -0.46
CA LYS B 367 14.26 -11.83 -0.66
C LYS B 367 14.14 -11.02 0.64
N ILE B 368 12.96 -11.04 1.23
CA ILE B 368 12.73 -10.31 2.47
C ILE B 368 13.61 -10.75 3.64
N HIS B 369 13.61 -12.05 3.94
CA HIS B 369 14.42 -12.55 5.04
C HIS B 369 15.93 -12.41 4.86
N SER B 370 16.43 -12.44 3.62
CA SER B 370 17.82 -12.11 3.36
C SER B 370 18.11 -10.67 3.72
N ASN B 371 17.18 -9.77 3.43
CA ASN B 371 17.41 -8.38 3.74
C ASN B 371 17.42 -8.13 5.24
N ILE B 372 16.50 -8.79 5.95
CA ILE B 372 16.49 -8.69 7.41
C ILE B 372 17.79 -9.25 8.01
N ALA B 373 18.21 -10.43 7.55
CA ALA B 373 19.44 -11.04 8.08
C ALA B 373 20.63 -10.10 7.88
N GLU B 374 20.71 -9.49 6.71
CA GLU B 374 21.77 -8.54 6.39
C GLU B 374 21.68 -7.31 7.30
N GLU B 375 20.46 -6.91 7.60
CA GLU B 375 20.23 -5.83 8.54
C GLU B 375 20.82 -6.19 9.90
N ILE B 376 20.46 -7.36 10.40
CA ILE B 376 20.90 -7.81 11.72
C ILE B 376 22.41 -8.03 11.79
N ILE B 377 22.99 -8.54 10.69
CA ILE B 377 24.44 -8.69 10.60
C ILE B 377 25.17 -7.35 10.82
N ASN B 378 24.66 -6.29 10.22
CA ASN B 378 25.25 -4.97 10.46
C ASN B 378 25.20 -4.59 11.94
N TYR B 379 24.02 -4.71 12.55
CA TYR B 379 23.84 -4.41 13.98
C TYR B 379 24.83 -5.20 14.81
N THR B 380 24.89 -6.50 14.56
CA THR B 380 25.70 -7.38 15.40
C THR B 380 27.21 -7.42 15.08
N ARG B 381 27.69 -6.61 14.15
CA ARG B 381 29.12 -6.62 13.80
C ARG B 381 29.87 -5.49 14.49
N THR B 382 29.13 -4.57 15.10
CA THR B 382 29.74 -3.42 15.75
C THR B 382 30.59 -3.81 16.98
N GLU B 383 31.46 -2.90 17.41
CA GLU B 383 32.27 -3.16 18.58
C GLU B 383 31.39 -3.18 19.82
N ILE B 384 30.41 -2.28 19.87
CA ILE B 384 29.49 -2.19 21.01
C ILE B 384 28.75 -3.49 21.20
N PHE B 385 28.28 -4.09 20.11
CA PHE B 385 27.58 -5.36 20.21
C PHE B 385 28.49 -6.47 20.72
N ASN B 386 29.72 -6.49 20.25
CA ASN B 386 30.64 -7.51 20.70
C ASN B 386 31.02 -7.40 22.18
N LYS B 387 31.10 -6.18 22.70
CA LYS B 387 31.39 -5.96 24.13
C LYS B 387 30.20 -6.37 24.99
N LEU B 388 29.01 -5.93 24.56
CA LEU B 388 27.76 -6.36 25.17
C LEU B 388 27.69 -7.87 25.27
N LEU B 389 27.88 -8.53 24.14
CA LEU B 389 27.82 -9.98 24.09
C LEU B 389 28.91 -10.59 24.99
N GLU B 390 30.08 -9.96 25.02
CA GLU B 390 31.21 -10.43 25.81
C GLU B 390 30.88 -10.41 27.29
N VAL B 391 30.34 -9.27 27.74
CA VAL B 391 29.98 -9.13 29.13
C VAL B 391 28.87 -10.08 29.56
N GLN B 392 27.85 -10.25 28.72
CA GLN B 392 26.73 -11.14 29.04
C GLN B 392 27.20 -12.58 29.22
N GLN B 393 28.01 -13.07 28.29
CA GLN B 393 28.43 -14.46 28.39
C GLN B 393 29.41 -14.71 29.54
N ASN B 394 30.24 -13.73 29.87
CA ASN B 394 31.06 -13.84 31.07
C ASN B 394 30.21 -13.96 32.33
N LEU B 395 29.25 -13.05 32.49
CA LEU B 395 28.35 -13.08 33.63
C LEU B 395 27.58 -14.41 33.71
N ALA B 396 27.02 -14.81 32.58
CA ALA B 396 26.26 -16.06 32.48
C ALA B 396 27.11 -17.28 32.79
N ALA B 397 28.37 -17.25 32.39
CA ALA B 397 29.29 -18.37 32.60
C ALA B 397 29.63 -18.56 34.07
N GLY B 398 29.61 -17.48 34.83
CA GLY B 398 29.85 -17.57 36.26
C GLY B 398 31.13 -16.85 36.64
N ALA B 399 31.70 -16.09 35.71
CA ALA B 399 32.90 -15.33 35.95
C ALA B 399 32.63 -14.33 37.05
N ASP B 400 33.67 -13.93 37.78
CA ASP B 400 33.49 -12.95 38.83
C ASP B 400 33.11 -11.64 38.17
N PRO B 401 31.94 -11.12 38.51
CA PRO B 401 31.42 -9.92 37.85
C PRO B 401 32.28 -8.67 38.03
N SER B 402 33.15 -8.63 39.04
CA SER B 402 34.07 -7.50 39.15
C SER B 402 35.05 -7.45 37.98
N SER B 403 35.31 -8.60 37.37
CA SER B 403 36.23 -8.65 36.24
C SER B 403 35.62 -8.05 34.98
N GLN B 404 34.34 -7.68 35.03
CA GLN B 404 33.66 -7.10 33.88
C GLN B 404 33.50 -5.60 34.06
N PHE B 405 33.96 -5.10 35.20
CA PHE B 405 33.86 -3.68 35.55
C PHE B 405 34.40 -2.75 34.47
N ASP B 406 35.51 -3.12 33.86
CA ASP B 406 36.14 -2.25 32.86
C ASP B 406 35.36 -2.18 31.56
N SER B 407 34.84 -3.31 31.11
CA SER B 407 34.03 -3.37 29.91
C SER B 407 32.74 -2.58 30.07
N ILE B 408 32.13 -2.70 31.24
CA ILE B 408 30.90 -1.98 31.51
C ILE B 408 31.14 -0.47 31.46
N GLU B 409 32.25 -0.04 32.05
CA GLU B 409 32.65 1.37 32.06
C GLU B 409 32.95 1.86 30.65
N GLU B 410 33.60 0.99 29.88
CA GLU B 410 33.94 1.27 28.50
C GLU B 410 32.66 1.40 27.65
N LEU B 411 31.69 0.54 27.95
CA LEU B 411 30.40 0.59 27.27
C LEU B 411 29.69 1.91 27.52
N VAL B 412 29.64 2.33 28.78
CA VAL B 412 29.06 3.63 29.08
C VAL B 412 29.85 4.72 28.37
N ALA B 413 31.18 4.61 28.43
CA ALA B 413 32.06 5.55 27.72
C ALA B 413 31.72 5.74 26.23
N ARG B 414 31.46 4.66 25.53
CA ARG B 414 31.15 4.70 24.11
C ARG B 414 29.71 5.07 23.80
N ASP B 415 28.96 5.46 24.83
CA ASP B 415 27.55 5.83 24.67
C ASP B 415 26.70 4.71 24.04
N THR B 416 26.79 3.50 24.58
CA THR B 416 25.89 2.46 24.14
C THR B 416 24.50 2.85 24.65
N PRO B 417 23.45 2.52 23.88
CA PRO B 417 22.07 2.92 24.26
C PRO B 417 21.75 2.50 25.68
N LEU B 418 21.03 3.35 26.41
CA LEU B 418 20.72 3.09 27.83
C LEU B 418 20.16 1.67 28.13
N PRO B 419 19.15 1.20 27.38
CA PRO B 419 18.58 -0.13 27.68
C PRO B 419 19.60 -1.26 27.67
N GLN B 420 20.56 -1.22 26.77
CA GLN B 420 21.61 -2.25 26.73
C GLN B 420 22.51 -2.17 27.98
N VAL B 421 22.73 -0.97 28.49
CA VAL B 421 23.54 -0.79 29.68
C VAL B 421 22.81 -1.29 30.91
N LEU B 422 21.55 -0.86 31.05
CA LEU B 422 20.72 -1.27 32.18
C LEU B 422 20.54 -2.78 32.26
N ARG B 423 20.31 -3.43 31.11
CA ARG B 423 20.15 -4.87 31.09
C ARG B 423 21.38 -5.58 31.62
N LEU B 424 22.56 -5.00 31.41
CA LEU B 424 23.79 -5.57 31.98
C LEU B 424 23.84 -5.42 33.50
N LEU B 425 23.66 -4.20 33.98
CA LEU B 425 23.62 -3.97 35.42
C LEU B 425 22.58 -4.89 36.09
N CYS B 426 21.45 -5.09 35.42
CA CYS B 426 20.43 -5.98 35.96
C CYS B 426 20.89 -7.44 35.90
N LEU B 427 21.49 -7.81 34.78
CA LEU B 427 22.00 -9.16 34.63
C LEU B 427 22.98 -9.46 35.75
N TYR B 428 23.95 -8.56 35.90
CA TYR B 428 24.93 -8.60 36.99
C TYR B 428 24.18 -8.77 38.32
N SER B 429 23.32 -7.83 38.68
CA SER B 429 22.61 -7.91 39.96
C SER B 429 21.88 -9.24 40.18
N CYS B 430 21.08 -9.63 39.20
CA CYS B 430 20.24 -10.82 39.29
C CYS B 430 21.05 -12.09 39.29
N ILE B 431 22.15 -12.10 38.56
CA ILE B 431 22.93 -13.34 38.45
C ILE B 431 23.88 -13.57 39.63
N SER B 432 24.35 -12.48 40.23
CA SER B 432 25.36 -12.54 41.27
C SER B 432 24.88 -12.19 42.68
N GLY B 433 23.58 -12.27 42.91
CA GLY B 433 23.02 -11.94 44.21
C GLY B 433 23.29 -10.50 44.64
N GLY B 434 22.99 -9.56 43.75
CA GLY B 434 23.22 -8.14 44.04
C GLY B 434 24.57 -7.67 43.55
N ILE B 435 24.70 -6.35 43.36
CA ILE B 435 25.96 -5.74 42.92
C ILE B 435 26.75 -5.23 44.13
N LYS B 436 28.07 -5.37 44.10
CA LYS B 436 28.93 -4.78 45.13
C LYS B 436 28.58 -3.31 45.32
N THR B 437 28.29 -2.92 46.57
CA THR B 437 27.83 -1.57 46.90
C THR B 437 28.66 -0.46 46.27
N LYS B 438 29.99 -0.57 46.34
CA LYS B 438 30.84 0.49 45.82
C LYS B 438 30.79 0.56 44.32
N GLU B 439 30.55 -0.58 43.69
CA GLU B 439 30.40 -0.62 42.26
C GLU B 439 29.04 -0.03 41.87
N LEU B 440 28.01 -0.37 42.63
CA LEU B 440 26.66 0.12 42.37
C LEU B 440 26.67 1.64 42.33
N ASP B 441 27.28 2.25 43.34
CA ASP B 441 27.36 3.69 43.51
C ASP B 441 28.13 4.33 42.35
N HIS B 442 29.14 3.62 41.85
CA HIS B 442 29.90 4.08 40.70
C HIS B 442 29.05 4.05 39.45
N PHE B 443 28.50 2.87 39.15
CA PHE B 443 27.66 2.67 37.98
C PHE B 443 26.49 3.62 37.93
N ARG B 444 25.83 3.76 39.07
CA ARG B 444 24.71 4.66 39.25
C ARG B 444 25.11 6.09 38.85
N ARG B 445 26.29 6.53 39.29
CA ARG B 445 26.79 7.86 39.00
C ARG B 445 27.07 7.97 37.50
N LEU B 446 27.65 6.92 36.92
CA LEU B 446 27.90 6.89 35.48
C LEU B 446 26.62 6.98 34.65
N VAL B 447 25.58 6.23 35.03
CA VAL B 447 24.32 6.25 34.31
C VAL B 447 23.67 7.62 34.37
N LEU B 448 23.67 8.22 35.55
CA LEU B 448 23.01 9.49 35.72
C LEU B 448 23.73 10.63 35.01
N GLN B 449 25.05 10.66 35.09
CA GLN B 449 25.80 11.72 34.39
C GLN B 449 25.74 11.51 32.88
N GLY B 450 25.91 10.26 32.47
CA GLY B 450 25.99 9.90 31.07
C GLY B 450 24.69 10.00 30.30
N TYR B 451 23.56 9.73 30.95
CA TYR B 451 22.29 9.61 30.22
C TYR B 451 21.17 10.49 30.77
N GLY B 452 21.39 11.08 31.94
CA GLY B 452 20.44 12.02 32.47
C GLY B 452 19.94 11.69 33.87
N HIS B 453 19.87 12.70 34.72
CA HIS B 453 19.44 12.52 36.10
C HIS B 453 18.00 12.02 36.27
N GLN B 454 17.15 12.20 35.26
CA GLN B 454 15.80 11.64 35.28
C GLN B 454 15.81 10.12 35.52
N HIS B 455 16.89 9.46 35.11
CA HIS B 455 16.97 8.01 35.23
C HIS B 455 17.20 7.51 36.64
N LEU B 456 17.10 8.41 37.61
CA LEU B 456 17.09 8.01 39.00
C LEU B 456 15.78 7.25 39.20
N LEU B 457 14.74 7.76 38.56
CA LEU B 457 13.43 7.11 38.53
C LEU B 457 13.56 5.72 37.91
N THR B 458 14.21 5.66 36.75
CA THR B 458 14.50 4.40 36.08
C THR B 458 15.17 3.39 37.04
N LEU B 459 16.18 3.86 37.77
CA LEU B 459 16.94 3.00 38.67
C LEU B 459 16.14 2.55 39.88
N HIS B 460 15.36 3.46 40.45
CA HIS B 460 14.48 3.12 41.55
C HIS B 460 13.44 2.08 41.15
N ASN B 461 13.01 2.14 39.90
CA ASN B 461 12.06 1.17 39.37
C ASN B 461 12.71 -0.20 39.21
N LEU B 462 13.95 -0.22 38.77
CA LEU B 462 14.69 -1.45 38.68
C LEU B 462 14.94 -2.02 40.08
N GLU B 463 15.05 -1.14 41.07
CA GLU B 463 15.15 -1.52 42.48
C GLU B 463 13.83 -2.11 43.00
N ARG B 464 12.70 -1.49 42.65
CA ARG B 464 11.40 -2.01 43.05
C ARG B 464 11.15 -3.38 42.41
N LEU B 465 11.67 -3.57 41.20
CA LEU B 465 11.51 -4.83 40.47
C LEU B 465 12.59 -5.82 40.91
N GLN B 466 13.49 -5.36 41.77
CA GLN B 466 14.50 -6.23 42.37
C GLN B 466 15.51 -6.78 41.37
N MSE B 467 15.72 -6.07 40.28
CA MSE B 467 16.72 -6.44 39.29
C MSE B 467 17.96 -5.57 39.35
O MSE B 467 18.92 -5.81 38.61
CB MSE B 467 16.12 -6.32 37.89
CG MSE B 467 14.88 -7.17 37.65
SE MSE B 467 14.01 -6.68 35.98
CE MSE B 467 15.54 -6.89 34.86
N PHE B 468 17.96 -4.57 40.22
CA PHE B 468 19.12 -3.69 40.38
C PHE B 468 19.29 -3.39 41.87
N LEU B 469 20.00 -4.28 42.55
CA LEU B 469 20.12 -4.21 44.01
C LEU B 469 21.57 -4.23 44.50
N SER B 470 21.81 -3.58 45.62
CA SER B 470 23.10 -3.73 46.26
C SER B 470 23.16 -5.05 47.03
N LYS B 471 24.35 -5.64 47.12
CA LYS B 471 24.59 -6.86 47.89
C LYS B 471 24.24 -6.70 49.36
N SER B 472 24.29 -5.46 49.83
CA SER B 472 24.04 -5.21 51.24
C SER B 472 22.55 -5.21 51.51
N SER B 473 21.76 -5.43 50.47
CA SER B 473 20.31 -5.45 50.63
C SER B 473 19.89 -6.89 50.86
N PRO B 474 19.04 -7.11 51.88
CA PRO B 474 18.56 -8.47 52.20
C PRO B 474 17.77 -9.07 51.06
N LEU B 475 17.01 -8.22 50.35
CA LEU B 475 16.30 -8.59 49.12
C LEU B 475 17.17 -9.14 48.00
N ALA B 476 18.48 -8.88 48.03
CA ALA B 476 19.33 -9.34 46.94
C ALA B 476 19.87 -10.76 47.09
N SER B 477 19.95 -11.25 48.33
CA SER B 477 20.60 -12.55 48.59
C SER B 477 19.83 -13.73 47.98
N MSE B 478 20.59 -14.65 47.40
CA MSE B 478 20.02 -15.84 46.79
C MSE B 478 19.85 -17.00 47.80
O MSE B 478 20.54 -17.05 48.82
CB MSE B 478 20.88 -16.26 45.60
CG MSE B 478 20.99 -15.19 44.51
SE MSE B 478 22.39 -15.61 43.24
CE MSE B 478 21.54 -15.26 41.62
N ILE B 479 18.91 -17.89 47.51
CA ILE B 479 18.60 -19.04 48.35
C ILE B 479 19.81 -19.95 48.61
N THR B 480 20.05 -20.24 49.88
CA THR B 480 21.00 -21.28 50.30
C THR B 480 20.47 -22.06 51.50
N MSE B 481 21.09 -23.20 51.79
CA MSE B 481 20.67 -24.02 52.91
C MSE B 481 21.29 -23.63 54.25
O MSE B 481 20.67 -23.80 55.29
CB MSE B 481 20.92 -25.50 52.60
CG MSE B 481 20.04 -26.03 51.49
SE MSE B 481 18.15 -25.55 51.70
CE MSE B 481 17.47 -26.31 50.05
N SER B 482 22.49 -23.07 54.23
CA SER B 482 23.07 -22.44 55.40
C SER B 482 22.64 -20.98 55.49
N GLY B 483 21.52 -20.66 54.84
CA GLY B 483 21.13 -19.29 54.59
C GLY B 483 20.53 -18.59 55.79
N SER B 484 20.64 -19.22 56.96
CA SER B 484 19.97 -18.77 58.18
C SER B 484 18.50 -18.59 57.84
N SER B 485 18.13 -17.36 57.52
CA SER B 485 16.85 -17.05 56.89
C SER B 485 16.80 -15.59 56.46
N GLY B 486 16.31 -14.73 57.34
CA GLY B 486 15.79 -13.44 56.95
C GLY B 486 14.81 -13.76 55.83
N GLY B 487 14.83 -12.97 54.77
CA GLY B 487 14.26 -13.41 53.53
C GLY B 487 12.78 -13.74 53.47
N PRO B 488 11.93 -12.72 53.34
CA PRO B 488 10.56 -12.98 52.92
C PRO B 488 10.53 -13.47 51.47
N ASP B 489 11.47 -12.98 50.66
CA ASP B 489 11.45 -13.21 49.22
C ASP B 489 12.83 -13.57 48.70
N GLN B 490 13.39 -14.66 49.19
CA GLN B 490 14.73 -15.06 48.79
C GLN B 490 14.80 -15.35 47.30
N LYS B 491 15.91 -14.97 46.67
CA LYS B 491 16.03 -14.96 45.21
C LYS B 491 16.59 -16.24 44.63
N THR B 492 16.26 -16.53 43.38
CA THR B 492 16.84 -17.63 42.64
C THR B 492 18.37 -17.65 42.75
N ASN B 493 18.94 -18.81 43.08
CA ASN B 493 20.38 -18.97 43.26
C ASN B 493 21.03 -19.50 42.00
N TYR B 494 21.55 -18.61 41.17
CA TYR B 494 22.09 -19.00 39.87
C TYR B 494 23.47 -19.67 39.96
N THR B 495 24.27 -19.32 40.96
CA THR B 495 25.56 -19.99 41.15
C THR B 495 25.35 -21.48 41.41
N TYR B 496 24.46 -21.79 42.35
CA TYR B 496 24.07 -23.17 42.61
C TYR B 496 23.39 -23.80 41.39
N LEU B 497 22.31 -23.18 40.91
CA LEU B 497 21.49 -23.71 39.83
C LEU B 497 22.24 -23.82 38.50
N ARG B 498 23.28 -23.02 38.32
CA ARG B 498 24.08 -23.11 37.11
C ARG B 498 24.60 -24.51 36.90
N LYS B 499 25.07 -25.10 37.98
CA LYS B 499 25.63 -26.45 37.98
C LYS B 499 24.52 -27.49 38.04
N GLN B 500 23.59 -27.32 38.97
CA GLN B 500 22.56 -28.33 39.24
C GLN B 500 21.55 -28.51 38.11
N LEU B 501 21.29 -27.48 37.31
CA LEU B 501 20.39 -27.63 36.16
C LEU B 501 21.17 -27.46 34.86
N ARG B 502 22.50 -27.44 34.97
CA ARG B 502 23.36 -27.32 33.80
C ARG B 502 22.93 -26.21 32.87
N LEU B 503 23.04 -24.98 33.36
CA LEU B 503 22.67 -23.81 32.59
C LEU B 503 23.60 -23.61 31.39
N ILE B 504 24.84 -24.11 31.48
CA ILE B 504 25.80 -23.95 30.39
C ILE B 504 26.17 -25.24 29.65
N VAL B 505 25.96 -25.24 28.34
CA VAL B 505 26.35 -26.36 27.49
C VAL B 505 27.35 -25.87 26.44
N ASP B 506 28.63 -26.07 26.71
CA ASP B 506 29.71 -25.62 25.81
C ASP B 506 29.68 -26.35 24.47
N GLU B 507 29.12 -27.54 24.45
CA GLU B 507 29.32 -28.46 23.35
C GLU B 507 28.41 -28.22 22.17
N VAL B 508 27.22 -27.66 22.44
CA VAL B 508 26.13 -27.50 21.47
C VAL B 508 26.52 -27.10 20.05
N ASN B 509 26.00 -27.82 19.07
CA ASN B 509 26.23 -27.46 17.68
C ASN B 509 24.96 -26.89 17.06
N GLU B 510 25.06 -25.65 16.60
CA GLU B 510 23.91 -24.82 16.26
C GLU B 510 23.20 -25.27 14.99
N GLN B 511 23.91 -26.02 14.15
CA GLN B 511 23.35 -26.51 12.89
C GLN B 511 22.37 -27.64 13.13
N ASP B 512 22.58 -28.40 14.20
CA ASP B 512 21.63 -29.44 14.57
C ASP B 512 21.60 -29.66 16.07
N PRO B 513 21.06 -28.69 16.82
CA PRO B 513 21.10 -28.67 18.29
C PRO B 513 20.48 -29.90 18.94
N ASN B 514 21.02 -30.29 20.09
CA ASN B 514 20.51 -31.44 20.83
C ASN B 514 20.02 -30.96 22.20
N ASP B 515 20.12 -29.66 22.41
CA ASP B 515 19.77 -29.05 23.68
C ASP B 515 19.31 -27.61 23.53
N ILE B 516 18.35 -27.23 24.38
CA ILE B 516 17.77 -25.90 24.39
C ILE B 516 18.80 -24.79 24.61
N ALA B 517 19.99 -25.16 25.10
CA ALA B 517 21.06 -24.18 25.25
C ALA B 517 21.42 -23.48 23.94
N TYR B 518 21.02 -24.07 22.82
CA TYR B 518 21.28 -23.46 21.52
C TYR B 518 20.65 -22.08 21.37
N VAL B 519 19.50 -21.85 22.01
CA VAL B 519 18.79 -20.58 21.84
C VAL B 519 19.60 -19.38 22.31
N TYR B 520 20.59 -19.64 23.17
CA TYR B 520 21.54 -18.61 23.59
C TYR B 520 23.00 -18.94 23.34
N SER B 521 23.25 -19.84 22.39
CA SER B 521 24.61 -20.29 22.05
C SER B 521 25.42 -20.79 23.25
N GLY B 522 24.81 -21.63 24.06
CA GLY B 522 25.51 -22.19 25.20
C GLY B 522 24.81 -21.99 26.53
N TYR B 523 23.84 -21.08 26.55
CA TYR B 523 23.10 -20.84 27.77
C TYR B 523 21.67 -21.37 27.64
N ALA B 524 21.23 -22.13 28.63
CA ALA B 524 19.90 -22.72 28.64
C ALA B 524 19.01 -22.00 29.63
N PRO B 525 17.91 -21.42 29.14
CA PRO B 525 17.00 -20.70 30.04
C PRO B 525 16.63 -21.52 31.28
N LEU B 526 16.89 -20.93 32.44
CA LEU B 526 16.54 -21.54 33.70
C LEU B 526 15.06 -21.91 33.68
N SER B 527 14.24 -21.02 33.11
CA SER B 527 12.78 -21.20 33.09
C SER B 527 12.39 -22.50 32.42
N ILE B 528 13.09 -22.84 31.35
CA ILE B 528 12.70 -23.96 30.52
C ILE B 528 13.33 -25.23 31.09
N ARG B 529 14.53 -25.08 31.70
CA ARG B 529 15.10 -26.15 32.53
C ARG B 529 14.13 -26.56 33.63
N LEU B 530 13.41 -25.59 34.22
CA LEU B 530 12.37 -25.92 35.20
C LEU B 530 11.26 -26.73 34.59
N VAL B 531 10.81 -26.34 33.39
CA VAL B 531 9.80 -27.10 32.68
C VAL B 531 10.31 -28.54 32.44
N GLN B 532 11.61 -28.65 32.15
CA GLN B 532 12.22 -29.95 31.91
C GLN B 532 12.28 -30.85 33.15
N CYS B 533 12.46 -30.25 34.33
CA CYS B 533 12.41 -30.98 35.59
C CYS B 533 11.08 -31.72 35.76
N VAL B 534 10.07 -31.30 35.00
CA VAL B 534 8.74 -31.90 35.05
C VAL B 534 8.49 -32.83 33.87
N LEU B 535 8.97 -32.42 32.70
CA LEU B 535 8.59 -33.03 31.43
C LEU B 535 9.65 -33.95 30.82
N GLN B 536 10.91 -33.80 31.22
CA GLN B 536 12.00 -34.56 30.59
C GLN B 536 13.07 -34.93 31.62
N LYS B 537 12.64 -35.52 32.74
CA LYS B 537 13.55 -35.82 33.85
C LYS B 537 14.66 -36.83 33.51
N GLN B 538 14.34 -37.87 32.73
CA GLN B 538 15.36 -38.83 32.29
C GLN B 538 16.51 -38.04 31.71
N TYR B 539 16.21 -37.21 30.72
CA TYR B 539 17.21 -36.42 30.03
C TYR B 539 17.98 -35.46 30.95
N LEU B 540 17.27 -34.81 31.85
CA LEU B 540 17.90 -33.81 32.68
C LEU B 540 18.88 -34.50 33.64
N LEU B 541 18.45 -35.64 34.18
CA LEU B 541 19.30 -36.49 35.01
C LEU B 541 20.55 -36.91 34.24
N SER B 542 20.34 -37.25 32.97
CA SER B 542 21.43 -37.65 32.11
C SER B 542 22.55 -36.62 31.99
N ILE B 543 22.19 -35.33 32.01
CA ILE B 543 23.19 -34.28 31.82
C ILE B 543 23.60 -33.62 33.14
N THR B 544 23.13 -34.20 34.24
CA THR B 544 23.52 -33.78 35.59
C THR B 544 23.83 -35.01 36.45
N ALA B 561 7.57 -41.15 37.65
CA ALA B 561 6.39 -40.37 38.03
C ALA B 561 6.53 -38.91 37.61
N GLN B 562 5.54 -38.11 37.99
CA GLN B 562 5.45 -36.74 37.48
C GLN B 562 5.60 -35.64 38.52
N GLY B 563 5.20 -34.43 38.17
CA GLY B 563 5.40 -33.31 39.05
C GLY B 563 6.88 -33.02 39.19
N TRP B 564 7.27 -32.48 40.33
CA TRP B 564 8.66 -32.12 40.55
C TRP B 564 9.51 -33.25 41.13
N LYS B 565 9.00 -34.46 41.02
CA LYS B 565 9.67 -35.61 41.61
C LYS B 565 11.08 -35.81 41.05
N GLY B 566 12.04 -35.81 41.95
CA GLY B 566 13.44 -35.99 41.60
C GLY B 566 14.18 -34.69 41.57
N PHE B 567 13.45 -33.58 41.76
CA PHE B 567 14.07 -32.28 41.65
C PHE B 567 13.68 -31.26 42.72
N GLU B 568 12.72 -31.64 43.58
CA GLU B 568 12.19 -30.75 44.62
C GLU B 568 13.24 -30.01 45.45
N GLU B 569 14.31 -30.69 45.80
CA GLU B 569 15.36 -30.06 46.59
C GLU B 569 16.17 -29.03 45.77
N ILE B 570 16.36 -29.32 44.49
CA ILE B 570 17.06 -28.41 43.58
C ILE B 570 16.24 -27.14 43.28
N VAL B 571 14.98 -27.36 42.92
CA VAL B 571 14.02 -26.31 42.55
C VAL B 571 13.63 -25.46 43.78
N LYS B 572 14.02 -25.92 44.96
CA LYS B 572 13.94 -25.13 46.18
C LYS B 572 14.81 -23.87 46.04
N HIS B 573 15.87 -23.97 45.26
CA HIS B 573 16.80 -22.85 45.10
C HIS B 573 16.36 -21.79 44.06
N ALA B 574 15.27 -22.05 43.34
CA ALA B 574 14.66 -21.01 42.52
C ALA B 574 13.60 -20.29 43.32
N ARG B 575 13.44 -19.00 43.04
CA ARG B 575 12.57 -18.11 43.79
C ARG B 575 11.15 -18.66 43.90
N GLY B 576 10.51 -18.45 45.04
CA GLY B 576 9.12 -18.79 45.22
C GLY B 576 8.73 -20.23 45.47
N PRO B 577 7.41 -20.47 45.65
CA PRO B 577 6.79 -21.76 45.95
C PRO B 577 6.83 -22.74 44.81
N THR B 578 7.24 -23.96 45.11
CA THR B 578 7.10 -25.10 44.21
C THR B 578 5.75 -25.73 44.56
N PHE B 579 4.93 -26.03 43.56
CA PHE B 579 3.62 -26.62 43.80
C PHE B 579 3.30 -27.73 42.83
N ASP B 580 2.26 -28.49 43.18
CA ASP B 580 1.84 -29.66 42.42
C ASP B 580 0.48 -30.09 42.96
N GLU B 581 -0.57 -29.83 42.20
CA GLU B 581 -1.93 -30.10 42.64
C GLU B 581 -2.67 -31.02 41.70
N ILE B 582 -3.15 -32.11 42.28
CA ILE B 582 -3.94 -33.10 41.57
C ILE B 582 -5.42 -32.79 41.72
N GLN B 583 -6.14 -32.82 40.60
CA GLN B 583 -7.59 -32.69 40.59
C GLN B 583 -8.26 -34.01 40.21
N LYS B 584 -9.19 -34.49 41.05
CA LYS B 584 -9.86 -35.76 40.74
C LYS B 584 -11.37 -35.63 40.61
N GLY B 585 -12.08 -36.75 40.69
CA GLY B 585 -13.54 -36.75 40.63
C GLY B 585 -14.18 -38.12 40.81
N ASP B 602 -3.75 -40.56 19.49
CA ASP B 602 -4.40 -40.21 20.74
C ASP B 602 -3.38 -39.83 21.83
N LYS B 603 -2.77 -38.67 21.64
CA LYS B 603 -1.77 -38.14 22.56
C LYS B 603 -2.40 -37.02 23.37
N LYS B 604 -1.76 -36.59 24.46
CA LYS B 604 -2.35 -35.56 25.31
C LYS B 604 -1.62 -34.21 25.22
N THR B 605 -2.36 -33.13 25.44
CA THR B 605 -1.80 -31.78 25.38
C THR B 605 -1.29 -31.33 26.75
N VAL B 606 -0.04 -30.85 26.79
CA VAL B 606 0.45 -30.16 27.97
C VAL B 606 0.51 -28.66 27.73
N PHE B 607 -0.31 -27.90 28.44
CA PHE B 607 -0.24 -26.44 28.41
C PHE B 607 0.86 -25.92 29.32
N VAL B 608 1.89 -25.33 28.74
CA VAL B 608 2.94 -24.66 29.51
C VAL B 608 2.68 -23.16 29.56
N VAL B 609 2.51 -22.64 30.78
CA VAL B 609 2.02 -21.29 30.97
C VAL B 609 3.06 -20.39 31.61
N PHE B 610 3.21 -19.19 31.07
CA PHE B 610 4.06 -18.15 31.67
C PHE B 610 3.24 -16.96 32.16
N VAL B 611 3.26 -16.73 33.47
CA VAL B 611 2.72 -15.49 34.04
C VAL B 611 3.80 -14.40 34.07
N GLY B 612 3.55 -13.28 33.42
CA GLY B 612 4.49 -12.18 33.49
C GLY B 612 5.40 -12.08 32.30
N GLY B 613 5.14 -12.89 31.27
CA GLY B 613 5.82 -12.75 29.99
C GLY B 613 6.71 -13.92 29.59
N ILE B 614 6.69 -14.25 28.31
CA ILE B 614 7.59 -15.25 27.76
C ILE B 614 8.40 -14.62 26.61
N THR B 615 9.66 -15.03 26.44
CA THR B 615 10.47 -14.53 25.32
C THR B 615 10.40 -15.47 24.13
N PHE B 616 10.76 -14.99 22.95
CA PHE B 616 10.80 -15.84 21.76
C PHE B 616 11.83 -16.98 21.87
N THR B 617 12.93 -16.77 22.61
CA THR B 617 13.89 -17.86 22.85
C THR B 617 13.29 -18.94 23.74
N GLU B 618 12.45 -18.53 24.68
CA GLU B 618 11.77 -19.52 25.50
C GLU B 618 10.77 -20.28 24.66
N ILE B 619 10.10 -19.57 23.76
CA ILE B 619 9.14 -20.20 22.86
C ILE B 619 9.81 -21.22 21.96
N ALA B 620 10.87 -20.78 21.28
CA ALA B 620 11.70 -21.64 20.45
C ALA B 620 12.20 -22.88 21.21
N ALA B 621 12.68 -22.67 22.43
CA ALA B 621 13.20 -23.79 23.23
C ALA B 621 12.12 -24.81 23.59
N LEU B 622 10.91 -24.32 23.82
CA LEU B 622 9.77 -25.18 24.11
C LEU B 622 9.35 -26.00 22.88
N ARG B 623 9.47 -25.40 21.69
CA ARG B 623 9.06 -26.06 20.46
C ARG B 623 9.99 -27.22 20.17
N PHE B 624 11.26 -26.99 20.52
CA PHE B 624 12.33 -27.96 20.37
C PHE B 624 11.98 -29.17 21.20
N ILE B 625 11.59 -28.93 22.46
CA ILE B 625 11.14 -29.99 23.35
C ILE B 625 9.87 -30.64 22.83
N ALA B 626 8.96 -29.81 22.32
CA ALA B 626 7.70 -30.32 21.76
C ALA B 626 7.97 -31.30 20.63
N LYS B 627 9.03 -31.04 19.87
CA LYS B 627 9.41 -31.86 18.73
C LYS B 627 9.86 -33.24 19.23
N GLN B 628 10.68 -33.23 20.28
CA GLN B 628 11.14 -34.45 20.92
C GLN B 628 10.02 -35.26 21.57
N GLU B 629 9.04 -34.56 22.11
CA GLU B 629 7.95 -35.19 22.86
C GLU B 629 6.76 -35.51 21.97
N GLU B 630 7.00 -35.44 20.66
CA GLU B 630 5.97 -35.50 19.64
C GLU B 630 5.01 -36.67 19.80
N ALA B 631 5.56 -37.83 20.15
CA ALA B 631 4.78 -39.06 20.19
C ALA B 631 3.76 -39.05 21.32
N ARG B 632 4.19 -38.73 22.53
CA ARG B 632 3.32 -38.82 23.70
C ARG B 632 2.50 -37.56 23.92
N ARG B 633 3.13 -36.41 23.73
CA ARG B 633 2.52 -35.15 24.12
C ARG B 633 2.36 -34.09 23.05
N ASN B 634 1.40 -33.21 23.30
CA ASN B 634 1.29 -31.96 22.59
C ASN B 634 1.52 -30.78 23.53
N ILE B 635 2.37 -29.86 23.11
CA ILE B 635 2.68 -28.71 23.95
C ILE B 635 2.12 -27.43 23.37
N VAL B 636 1.23 -26.78 24.13
CA VAL B 636 0.66 -25.49 23.76
C VAL B 636 1.11 -24.43 24.79
N ILE B 637 1.73 -23.37 24.29
CA ILE B 637 2.30 -22.34 25.16
C ILE B 637 1.26 -21.26 25.45
N CYS B 638 1.09 -20.94 26.72
CA CYS B 638 0.16 -19.89 27.13
C CYS B 638 0.98 -18.80 27.80
N THR B 639 0.55 -17.56 27.65
CA THR B 639 1.31 -16.47 28.23
C THR B 639 0.46 -15.22 28.38
N THR B 640 0.82 -14.38 29.33
CA THR B 640 0.16 -13.09 29.48
C THR B 640 0.57 -12.16 28.35
N SER B 641 1.81 -12.31 27.88
CA SER B 641 2.32 -11.54 26.77
C SER B 641 3.67 -12.07 26.32
N ILE B 642 4.13 -11.57 25.19
CA ILE B 642 5.50 -11.81 24.79
C ILE B 642 6.37 -10.69 25.32
N ILE B 643 7.48 -11.04 25.96
CA ILE B 643 8.32 -10.05 26.60
C ILE B 643 9.77 -10.16 26.14
N ASN B 644 10.52 -9.08 26.33
CA ASN B 644 11.95 -9.06 26.09
C ASN B 644 12.64 -8.05 27.03
N GLY B 645 13.96 -8.01 26.97
CA GLY B 645 14.73 -7.11 27.80
C GLY B 645 14.37 -5.65 27.69
N ASN B 646 14.22 -5.16 26.47
CA ASN B 646 13.92 -3.75 26.26
C ASN B 646 12.55 -3.37 26.78
N ARG B 647 11.59 -4.27 26.68
CA ARG B 647 10.25 -3.99 27.16
C ARG B 647 10.28 -3.84 28.66
N MSE B 648 11.11 -4.63 29.33
CA MSE B 648 11.24 -4.51 30.77
C MSE B 648 11.91 -3.21 31.21
O MSE B 648 11.44 -2.55 32.14
CB MSE B 648 12.00 -5.70 31.34
CG MSE B 648 11.19 -6.96 31.34
SE MSE B 648 12.27 -8.54 31.66
CE MSE B 648 12.64 -8.45 33.53
N MSE B 649 12.98 -2.84 30.52
CA MSE B 649 13.65 -1.59 30.77
C MSE B 649 12.70 -0.42 30.48
O MSE B 649 12.69 0.58 31.19
CB MSE B 649 14.92 -1.48 29.93
CG MSE B 649 15.93 -2.60 30.17
SE MSE B 649 16.51 -2.79 32.04
CE MSE B 649 15.39 -4.31 32.57
N ASN B 650 11.90 -0.54 29.41
CA ASN B 650 10.96 0.53 29.10
C ASN B 650 9.96 0.73 30.22
N ALA B 651 9.49 -0.38 30.79
CA ALA B 651 8.63 -0.34 31.96
C ALA B 651 9.27 0.48 33.10
N ALA B 652 10.58 0.33 33.28
CA ALA B 652 11.23 1.06 34.36
C ALA B 652 11.44 2.55 33.99
N ILE B 653 11.72 2.80 32.73
CA ILE B 653 11.96 4.15 32.27
C ILE B 653 10.69 5.03 32.30
N GLU B 654 9.65 4.60 31.61
CA GLU B 654 8.48 5.46 31.46
C GLU B 654 7.44 5.46 32.61
N THR B 655 7.59 4.60 33.62
CA THR B 655 6.58 4.58 34.66
C THR B 655 6.88 5.63 35.74
N ALA B 656 6.36 6.83 35.54
CA ALA B 656 6.60 7.95 36.44
C ALA B 656 5.62 7.93 37.63
#